data_2RJE
#
_entry.id   2RJE
#
_cell.length_a   109.894
_cell.length_b   124.640
_cell.length_c   90.031
_cell.angle_alpha   90.00
_cell.angle_beta   90.00
_cell.angle_gamma   90.00
#
_symmetry.space_group_name_H-M   'P 21 21 2'
#
loop_
_entity.id
_entity.type
_entity.pdbx_description
1 polymer 'Lethal(3)malignant brain tumor-like protein'
2 polymer 'Histone H4'
3 non-polymer 'CHLORIDE ION'
4 water water
#
loop_
_entity_poly.entity_id
_entity_poly.type
_entity_poly.pdbx_seq_one_letter_code
_entity_poly.pdbx_strand_id
1 'polypeptide(L)'
;GEKKECWSWESYLEEQKAITAPVSLFQDSQAVTHNKNGFKLGMKLEGIDPQHPSMYFILTVAEVCGYRLRLHFDGYSECH
DFWVNANSPDIHPAGWFEKTGHKLQPPKGYKEEEFSWSQYLRSTRAQAAPKHLFVSQSHSPPPLGFQVGMKLEAVDRMNP
SLVCVASVTDVVDSRFLVHFDNWDDTYDYWCDPSSPYIHPVGWCQKQGKPLTPPQDYPDPDNFCWEKYLEETGASAVPTW
AFKVRPPHSFLVNMKLEAVDRRNPALIRVASVEDVEDHRIKIHFDGWSHGYDFWIDADHPDIHPAGWCSKTGHPLQPPLG
PREPSSASPGG
;
A,B,C
2 'polypeptide(L)' AKRHR(MLY)VLRDN P,Q
#
loop_
_chem_comp.id
_chem_comp.type
_chem_comp.name
_chem_comp.formula
CL non-polymer 'CHLORIDE ION' 'Cl -1'
#
# COMPACT_ATOMS: atom_id res chain seq x y z
N TRP A 7 46.14 1.13 28.34
CA TRP A 7 44.65 1.11 28.47
C TRP A 7 44.17 0.31 29.66
N SER A 8 43.17 0.82 30.37
CA SER A 8 42.53 0.11 31.48
C SER A 8 41.03 0.41 31.49
N TRP A 9 40.24 -0.52 32.03
CA TRP A 9 38.80 -0.31 32.19
C TRP A 9 38.50 0.84 33.16
N GLU A 10 39.18 0.83 34.30
CA GLU A 10 39.01 1.86 35.35
C GLU A 10 39.14 3.27 34.77
N SER A 11 40.27 3.56 34.12
CA SER A 11 40.50 4.88 33.50
C SER A 11 39.45 5.22 32.46
N TYR A 12 39.09 4.21 31.66
CA TYR A 12 38.10 4.40 30.60
C TYR A 12 36.72 4.70 31.15
N LEU A 13 36.35 4.04 32.25
CA LEU A 13 35.04 4.29 32.86
C LEU A 13 35.01 5.66 33.54
N GLU A 14 36.14 6.06 34.13
CA GLU A 14 36.31 7.38 34.73
C GLU A 14 36.18 8.45 33.65
N GLU A 15 36.92 8.27 32.56
CA GLU A 15 36.93 9.20 31.45
C GLU A 15 35.58 9.34 30.75
N GLN A 16 34.82 8.25 30.68
CA GLN A 16 33.53 8.25 29.97
C GLN A 16 32.35 8.48 30.90
N LYS A 17 32.64 8.57 32.21
CA LYS A 17 31.63 8.60 33.26
C LYS A 17 30.59 7.51 32.98
N ALA A 18 31.09 6.29 32.76
CA ALA A 18 30.24 5.14 32.41
C ALA A 18 30.37 4.00 33.41
N ILE A 19 29.38 3.09 33.40
CA ILE A 19 29.43 1.87 34.22
C ILE A 19 29.52 0.59 33.35
N THR A 20 30.10 -0.46 33.92
CA THR A 20 30.07 -1.75 33.24
C THR A 20 28.81 -2.47 33.71
N ALA A 21 28.27 -3.33 32.84
CA ALA A 21 27.22 -4.27 33.21
C ALA A 21 27.71 -5.17 34.35
N PRO A 22 27.01 -5.16 35.50
CA PRO A 22 27.41 -6.07 36.58
C PRO A 22 27.52 -7.53 36.15
N VAL A 23 28.52 -8.22 36.69
CA VAL A 23 28.73 -9.65 36.47
C VAL A 23 27.43 -10.46 36.71
N SER A 24 26.63 -9.98 37.67
CA SER A 24 25.42 -10.65 38.09
C SER A 24 24.39 -10.68 36.97
N LEU A 25 24.54 -9.78 36.00
CA LEU A 25 23.62 -9.72 34.88
C LEU A 25 23.79 -10.87 33.90
N PHE A 26 24.97 -11.49 33.92
CA PHE A 26 25.31 -12.53 32.93
C PHE A 26 24.99 -13.96 33.41
N GLN A 27 24.94 -14.90 32.46
CA GLN A 27 24.88 -16.32 32.83
C GLN A 27 26.24 -16.64 33.41
N ASP A 28 26.26 -17.51 34.43
CA ASP A 28 27.52 -18.03 35.01
C ASP A 28 28.52 -18.43 33.92
N SER A 29 28.05 -19.16 32.91
CA SER A 29 28.93 -19.62 31.82
C SER A 29 29.62 -18.48 31.04
N GLN A 30 28.96 -17.33 30.91
CA GLN A 30 29.53 -16.14 30.25
C GLN A 30 30.56 -15.43 31.15
N ALA A 31 30.41 -15.59 32.46
CA ALA A 31 31.20 -14.80 33.42
C ALA A 31 32.45 -15.54 33.93
N VAL A 32 32.39 -16.87 33.96
CA VAL A 32 33.42 -17.66 34.64
C VAL A 32 34.83 -17.46 34.05
N THR A 33 35.77 -17.05 34.90
CA THR A 33 37.16 -16.80 34.47
C THR A 33 38.20 -17.67 35.18
N HIS A 34 37.78 -18.39 36.19
CA HIS A 34 38.76 -19.10 36.99
C HIS A 34 39.11 -20.52 36.48
N ASN A 35 38.38 -21.02 35.47
CA ASN A 35 38.78 -22.29 34.85
C ASN A 35 39.90 -22.07 33.89
N LYS A 36 40.88 -22.95 33.93
CA LYS A 36 41.95 -22.89 32.97
C LYS A 36 41.46 -23.55 31.65
N ASN A 37 42.03 -23.10 30.53
CA ASN A 37 41.87 -23.81 29.28
C ASN A 37 42.81 -25.00 29.22
N GLY A 38 42.25 -26.23 29.28
CA GLY A 38 43.04 -27.44 29.22
C GLY A 38 43.22 -28.01 27.81
N PHE A 39 42.59 -27.36 26.82
CA PHE A 39 42.72 -27.80 25.41
C PHE A 39 44.11 -27.45 24.89
N LYS A 40 44.72 -28.38 24.15
CA LYS A 40 46.06 -28.22 23.60
C LYS A 40 46.06 -28.43 22.09
N LEU A 41 47.01 -27.78 21.41
CA LEU A 41 47.18 -27.93 19.95
C LEU A 41 47.20 -29.38 19.49
N GLY A 42 46.40 -29.69 18.48
CA GLY A 42 46.36 -31.04 17.91
C GLY A 42 45.44 -32.04 18.60
N MET A 43 44.85 -31.70 19.77
CA MET A 43 43.92 -32.66 20.41
C MET A 43 42.72 -32.82 19.50
N LYS A 44 42.19 -34.03 19.44
CA LYS A 44 41.00 -34.29 18.64
C LYS A 44 39.74 -34.54 19.50
N LEU A 45 38.59 -34.26 18.89
CA LEU A 45 37.32 -34.29 19.62
C LEU A 45 36.16 -34.33 18.61
N GLU A 46 34.93 -34.26 19.11
CA GLU A 46 33.72 -34.35 18.27
C GLU A 46 32.97 -33.05 18.53
N GLY A 47 32.27 -32.51 17.52
CA GLY A 47 31.54 -31.27 17.75
C GLY A 47 30.50 -31.01 16.69
N ILE A 48 29.52 -30.21 17.07
CA ILE A 48 28.50 -29.67 16.15
C ILE A 48 29.11 -28.78 15.06
N ASP A 49 28.60 -28.90 13.85
CA ASP A 49 28.94 -27.99 12.77
C ASP A 49 28.04 -26.73 13.00
N PRO A 50 28.64 -25.58 13.32
CA PRO A 50 27.82 -24.35 13.55
C PRO A 50 26.92 -23.96 12.35
N GLN A 51 27.30 -24.36 11.13
CA GLN A 51 26.49 -24.10 9.93
C GLN A 51 25.38 -25.15 9.73
N HIS A 52 25.53 -26.30 10.38
CA HIS A 52 24.56 -27.41 10.33
C HIS A 52 24.45 -28.00 11.74
N PRO A 53 23.71 -27.31 12.63
CA PRO A 53 23.71 -27.61 14.10
C PRO A 53 23.22 -29.02 14.51
N SER A 54 22.70 -29.79 13.56
CA SER A 54 22.26 -31.16 13.85
C SER A 54 23.38 -32.19 13.60
N MET A 55 24.49 -31.77 12.98
CA MET A 55 25.52 -32.65 12.46
C MET A 55 26.78 -32.55 13.32
N TYR A 56 27.47 -33.69 13.47
CA TYR A 56 28.67 -33.82 14.32
C TYR A 56 29.84 -34.29 13.45
N PHE A 57 31.00 -33.67 13.69
CA PHE A 57 32.19 -33.89 12.90
C PHE A 57 33.38 -34.13 13.83
N ILE A 58 34.41 -34.76 13.29
CA ILE A 58 35.68 -34.86 14.00
C ILE A 58 36.38 -33.51 13.88
N LEU A 59 36.80 -32.96 15.01
CA LEU A 59 37.42 -31.65 15.09
C LEU A 59 38.77 -31.73 15.79
N THR A 60 39.69 -30.87 15.33
CA THR A 60 41.04 -30.78 15.91
C THR A 60 41.30 -29.35 16.40
N VAL A 61 41.90 -29.23 17.59
CA VAL A 61 42.38 -27.93 18.12
C VAL A 61 43.45 -27.31 17.22
N ALA A 62 43.13 -26.18 16.53
CA ALA A 62 44.07 -25.53 15.59
C ALA A 62 44.85 -24.39 16.28
N GLU A 63 44.27 -23.84 17.36
CA GLU A 63 44.80 -22.65 18.04
C GLU A 63 44.06 -22.47 19.35
N VAL A 64 44.74 -21.86 20.33
CA VAL A 64 44.16 -21.59 21.62
C VAL A 64 44.57 -20.16 21.97
N CYS A 65 43.60 -19.38 22.38
CA CYS A 65 43.87 -18.04 22.86
C CYS A 65 43.03 -17.81 24.12
N GLY A 66 43.68 -17.81 25.27
CA GLY A 66 42.98 -17.66 26.56
C GLY A 66 42.04 -18.82 26.80
N TYR A 67 40.80 -18.48 27.14
CA TYR A 67 39.74 -19.47 27.35
C TYR A 67 38.98 -19.84 26.05
N ARG A 68 39.51 -19.46 24.89
CA ARG A 68 38.92 -19.78 23.59
C ARG A 68 39.83 -20.72 22.79
N LEU A 69 39.25 -21.43 21.83
CA LEU A 69 40.02 -22.29 20.96
C LEU A 69 39.43 -22.26 19.57
N ARG A 70 40.27 -22.44 18.58
CA ARG A 70 39.87 -22.49 17.17
C ARG A 70 39.88 -23.96 16.73
N LEU A 71 38.76 -24.44 16.18
CA LEU A 71 38.59 -25.84 15.81
C LEU A 71 38.60 -25.98 14.30
N HIS A 72 39.20 -27.07 13.83
CA HIS A 72 39.38 -27.37 12.43
C HIS A 72 38.65 -28.67 12.10
N PHE A 73 37.85 -28.64 11.02
CA PHE A 73 37.21 -29.87 10.53
C PHE A 73 38.23 -30.77 9.83
N ASP A 74 38.59 -31.91 10.44
CA ASP A 74 39.56 -32.85 9.81
C ASP A 74 39.22 -33.18 8.35
N GLY A 75 40.17 -33.00 7.44
CA GLY A 75 39.95 -33.34 6.04
C GLY A 75 39.40 -32.19 5.21
N TYR A 76 38.75 -31.22 5.84
CA TYR A 76 38.14 -30.09 5.14
C TYR A 76 39.06 -28.85 5.15
N SER A 77 38.63 -27.79 4.45
CA SER A 77 39.44 -26.60 4.37
C SER A 77 39.49 -25.86 5.72
N GLU A 78 40.61 -25.20 5.96
CA GLU A 78 40.74 -24.35 7.13
C GLU A 78 39.83 -23.11 7.04
N CYS A 79 39.28 -22.81 5.87
CA CYS A 79 38.31 -21.72 5.81
C CYS A 79 37.03 -21.96 6.66
N HIS A 80 36.77 -23.21 7.05
CA HIS A 80 35.63 -23.53 7.91
C HIS A 80 35.95 -23.53 9.41
N ASP A 81 37.19 -23.20 9.77
CA ASP A 81 37.63 -23.19 11.16
C ASP A 81 36.78 -22.19 11.92
N PHE A 82 36.47 -22.48 13.19
CA PHE A 82 35.62 -21.59 14.01
C PHE A 82 36.07 -21.59 15.47
N TRP A 83 35.70 -20.54 16.19
CA TRP A 83 36.12 -20.38 17.59
C TRP A 83 34.99 -20.73 18.54
N VAL A 84 35.35 -21.42 19.63
CA VAL A 84 34.44 -21.66 20.74
C VAL A 84 35.19 -21.35 22.02
N ASN A 85 34.44 -21.28 23.12
CA ASN A 85 35.02 -21.17 24.44
C ASN A 85 35.28 -22.55 24.96
N ALA A 86 36.20 -22.67 25.94
CA ALA A 86 36.54 -23.97 26.47
C ALA A 86 35.42 -24.61 27.29
N ASN A 87 34.44 -23.83 27.76
CA ASN A 87 33.25 -24.40 28.38
C ASN A 87 32.08 -24.58 27.38
N SER A 88 32.38 -24.65 26.09
CA SER A 88 31.28 -24.86 25.09
C SER A 88 30.58 -26.21 25.35
N PRO A 89 29.24 -26.21 25.30
CA PRO A 89 28.50 -27.49 25.36
C PRO A 89 28.36 -28.13 23.97
N ASP A 90 28.91 -27.49 22.93
CA ASP A 90 28.75 -27.96 21.52
C ASP A 90 29.88 -28.86 21.04
N ILE A 91 30.68 -29.31 21.99
CA ILE A 91 31.83 -30.19 21.68
C ILE A 91 31.78 -31.32 22.68
N HIS A 92 32.35 -32.47 22.31
CA HIS A 92 32.22 -33.69 23.13
C HIS A 92 33.48 -34.51 22.96
N PRO A 93 33.81 -35.35 23.95
CA PRO A 93 35.01 -36.20 23.80
C PRO A 93 34.91 -37.30 22.72
N ALA A 94 36.05 -37.69 22.15
CA ALA A 94 36.12 -38.87 21.29
C ALA A 94 35.36 -40.08 21.84
N GLY A 95 34.45 -40.63 21.03
CA GLY A 95 33.66 -41.79 21.43
C GLY A 95 32.25 -41.46 21.91
N TRP A 96 32.03 -40.16 22.20
CA TRP A 96 30.72 -39.70 22.66
C TRP A 96 29.58 -40.09 21.68
N PHE A 97 29.80 -39.92 20.38
CA PHE A 97 28.75 -40.20 19.38
C PHE A 97 28.20 -41.65 19.52
N GLU A 98 29.06 -42.65 19.71
CA GLU A 98 28.56 -44.02 19.67
C GLU A 98 27.94 -44.41 20.98
N LYS A 99 28.39 -43.79 22.07
CA LYS A 99 27.85 -44.07 23.39
C LYS A 99 26.48 -43.41 23.59
N THR A 100 26.13 -42.44 22.74
CA THR A 100 24.95 -41.57 22.97
C THR A 100 23.91 -41.53 21.83
N GLY A 101 24.11 -42.33 20.78
CA GLY A 101 23.14 -42.44 19.69
C GLY A 101 23.20 -41.31 18.65
N HIS A 102 24.35 -40.66 18.54
CA HIS A 102 24.59 -39.64 17.53
C HIS A 102 25.42 -40.13 16.34
N LYS A 103 25.13 -39.57 15.18
CA LYS A 103 25.89 -39.86 13.96
C LYS A 103 27.11 -38.96 13.89
N LEU A 104 28.27 -39.54 13.62
CA LEU A 104 29.50 -38.77 13.42
C LEU A 104 29.85 -38.80 11.95
N GLN A 105 29.97 -37.63 11.34
CA GLN A 105 30.46 -37.51 9.98
C GLN A 105 31.97 -37.84 9.98
N PRO A 106 32.44 -38.67 9.03
CA PRO A 106 33.88 -38.97 9.02
C PRO A 106 34.73 -37.82 8.43
N PRO A 107 36.08 -37.87 8.60
CA PRO A 107 36.92 -36.84 7.96
C PRO A 107 36.69 -36.86 6.44
N LYS A 108 36.90 -35.74 5.78
CA LYS A 108 36.61 -35.62 4.34
C LYS A 108 37.28 -36.74 3.52
N GLY A 109 36.47 -37.48 2.78
CA GLY A 109 36.95 -38.59 1.93
C GLY A 109 37.04 -39.92 2.63
N TYR A 110 37.31 -39.88 3.93
CA TYR A 110 37.56 -41.06 4.73
C TYR A 110 36.49 -42.17 4.56
N PHE A 115 33.96 -46.02 10.58
CA PHE A 115 34.97 -45.20 11.27
C PHE A 115 35.27 -45.75 12.65
N SER A 116 36.54 -45.72 13.02
CA SER A 116 36.97 -46.13 14.33
C SER A 116 37.99 -45.11 14.88
N TRP A 117 37.71 -44.54 16.05
CA TRP A 117 38.69 -43.70 16.75
C TRP A 117 40.06 -44.38 17.01
N SER A 118 40.05 -45.60 17.54
CA SER A 118 41.34 -46.27 17.83
C SER A 118 42.20 -46.32 16.56
N GLN A 119 41.59 -46.75 15.45
CA GLN A 119 42.26 -46.80 14.16
C GLN A 119 42.72 -45.41 13.65
N TYR A 120 41.85 -44.40 13.80
CA TYR A 120 42.17 -43.06 13.31
C TYR A 120 43.28 -42.44 14.15
N LEU A 121 43.27 -42.67 15.46
CA LEU A 121 44.33 -42.16 16.33
C LEU A 121 45.67 -42.83 16.05
N ARG A 122 45.61 -44.14 15.77
CA ARG A 122 46.79 -44.88 15.33
C ARG A 122 47.35 -44.29 14.02
N SER A 123 46.49 -44.05 13.02
CA SER A 123 46.93 -43.48 11.74
C SER A 123 47.57 -42.10 11.90
N THR A 124 46.93 -41.26 12.70
CA THR A 124 47.35 -39.86 12.83
C THR A 124 48.38 -39.64 13.93
N ARG A 125 48.55 -40.64 14.82
CA ARG A 125 49.39 -40.52 16.03
C ARG A 125 48.98 -39.36 16.93
N ALA A 126 47.68 -39.10 16.97
CA ALA A 126 47.15 -37.96 17.70
C ALA A 126 46.55 -38.38 19.03
N GLN A 127 46.31 -37.40 19.89
CA GLN A 127 45.72 -37.60 21.22
C GLN A 127 44.28 -37.10 21.16
N ALA A 128 43.33 -37.87 21.68
CA ALA A 128 41.99 -37.32 21.91
C ALA A 128 41.99 -36.34 23.11
N ALA A 129 41.25 -35.22 23.00
CA ALA A 129 41.08 -34.33 24.15
C ALA A 129 40.49 -35.15 25.31
N PRO A 130 41.11 -35.05 26.51
CA PRO A 130 40.62 -35.86 27.64
C PRO A 130 39.17 -35.50 28.02
N LYS A 131 38.41 -36.49 28.48
CA LYS A 131 36.99 -36.30 28.83
C LYS A 131 36.72 -35.19 29.82
N HIS A 132 37.62 -35.02 30.80
CA HIS A 132 37.37 -34.07 31.89
C HIS A 132 37.25 -32.61 31.42
N LEU A 133 37.78 -32.32 30.22
CA LEU A 133 37.69 -30.95 29.65
C LEU A 133 36.29 -30.49 29.25
N PHE A 134 35.39 -31.45 29.07
CA PHE A 134 34.10 -31.21 28.41
C PHE A 134 32.97 -30.97 29.40
N VAL A 135 32.33 -29.81 29.32
CA VAL A 135 31.16 -29.54 30.17
C VAL A 135 29.95 -30.45 29.80
N SER A 136 29.87 -30.87 28.54
CA SER A 136 28.73 -31.63 28.07
C SER A 136 29.17 -33.03 27.60
N GLN A 137 28.76 -34.06 28.35
CA GLN A 137 29.06 -35.44 27.95
C GLN A 137 27.81 -36.32 27.99
N SER A 138 26.64 -35.70 27.98
CA SER A 138 25.35 -36.40 28.12
C SER A 138 25.23 -37.17 29.45
N HIS A 139 25.94 -36.70 30.47
CA HIS A 139 25.93 -37.33 31.80
C HIS A 139 25.01 -36.66 32.81
N SER A 140 24.43 -35.52 32.43
CA SER A 140 23.54 -34.77 33.33
C SER A 140 22.06 -34.89 32.92
N PRO A 141 21.15 -34.76 33.91
CA PRO A 141 19.68 -34.90 33.74
C PRO A 141 19.13 -34.01 32.62
N PRO A 142 18.51 -34.65 31.61
CA PRO A 142 17.98 -33.87 30.51
C PRO A 142 16.83 -32.94 30.90
N PRO A 143 16.37 -32.12 29.94
CA PRO A 143 15.27 -31.20 30.21
C PRO A 143 13.95 -31.98 30.33
N LEU A 144 13.32 -31.94 31.51
CA LEU A 144 12.10 -32.75 31.74
C LEU A 144 10.99 -32.33 30.79
N GLY A 145 10.37 -33.33 30.17
CA GLY A 145 9.25 -33.13 29.27
C GLY A 145 9.60 -33.00 27.79
N PHE A 146 10.89 -32.81 27.48
CA PHE A 146 11.37 -32.69 26.11
C PHE A 146 12.01 -34.01 25.64
N GLN A 147 11.32 -34.74 24.78
CA GLN A 147 11.83 -36.04 24.30
C GLN A 147 12.04 -35.92 22.79
N VAL A 148 13.04 -36.64 22.26
CA VAL A 148 13.21 -36.76 20.81
C VAL A 148 11.88 -37.18 20.15
N GLY A 149 11.51 -36.55 19.03
CA GLY A 149 10.28 -36.94 18.34
C GLY A 149 9.08 -36.04 18.66
N MET A 150 9.08 -35.44 19.84
CA MET A 150 7.97 -34.54 20.24
C MET A 150 7.90 -33.24 19.40
N LYS A 151 6.69 -32.68 19.34
CA LYS A 151 6.36 -31.51 18.50
C LYS A 151 5.98 -30.26 19.31
N LEU A 152 6.21 -29.10 18.69
CA LEU A 152 6.03 -27.78 19.33
C LEU A 152 5.94 -26.74 18.22
N GLU A 153 5.76 -25.49 18.64
CA GLU A 153 5.80 -24.38 17.71
C GLU A 153 6.99 -23.54 18.05
N ALA A 154 7.71 -23.12 17.02
CA ALA A 154 8.95 -22.40 17.22
C ALA A 154 9.08 -21.25 16.26
N VAL A 155 9.62 -20.16 16.79
CA VAL A 155 9.99 -19.01 15.97
C VAL A 155 11.18 -19.39 15.12
N ASP A 156 11.08 -19.12 13.83
CA ASP A 156 12.23 -19.23 12.98
C ASP A 156 13.13 -17.99 13.23
N ARG A 157 14.18 -18.20 14.02
CA ARG A 157 15.06 -17.13 14.47
C ARG A 157 15.76 -16.40 13.32
N MET A 158 15.82 -17.04 12.16
CA MET A 158 16.32 -16.42 10.94
C MET A 158 15.25 -15.69 10.10
N ASN A 159 13.99 -15.92 10.42
CA ASN A 159 12.84 -15.30 9.74
C ASN A 159 11.78 -15.14 10.82
N PRO A 160 12.04 -14.26 11.78
CA PRO A 160 11.34 -14.26 13.07
C PRO A 160 9.90 -13.77 13.03
N SER A 161 9.42 -13.33 11.86
CA SER A 161 7.99 -13.10 11.66
C SER A 161 7.23 -14.45 11.58
N LEU A 162 7.95 -15.58 11.41
CA LEU A 162 7.32 -16.90 11.28
C LEU A 162 7.41 -17.75 12.55
N VAL A 163 6.24 -18.23 13.00
CA VAL A 163 6.12 -19.25 14.03
C VAL A 163 5.62 -20.56 13.36
N CYS A 164 6.42 -21.61 13.50
CA CYS A 164 6.36 -22.78 12.63
C CYS A 164 6.19 -24.10 13.32
N VAL A 165 5.70 -25.10 12.55
CA VAL A 165 5.61 -26.47 13.04
C VAL A 165 7.03 -26.98 13.24
N ALA A 166 7.34 -27.51 14.44
CA ALA A 166 8.71 -27.89 14.79
C ALA A 166 8.72 -29.20 15.60
N SER A 167 9.91 -29.79 15.70
CA SER A 167 10.15 -31.07 16.37
C SER A 167 11.41 -30.97 17.20
N VAL A 168 11.45 -31.72 18.29
CA VAL A 168 12.70 -31.99 19.00
C VAL A 168 13.41 -33.16 18.31
N THR A 169 14.62 -32.94 17.83
CA THR A 169 15.34 -33.99 17.08
C THR A 169 16.61 -34.52 17.79
N ASP A 170 16.98 -33.88 18.90
CA ASP A 170 18.20 -34.26 19.64
C ASP A 170 18.07 -33.71 21.06
N VAL A 171 18.64 -34.43 22.03
CA VAL A 171 18.63 -34.00 23.44
C VAL A 171 19.99 -34.35 24.01
N VAL A 172 20.64 -33.34 24.62
CA VAL A 172 22.00 -33.48 25.12
C VAL A 172 22.09 -32.68 26.40
N ASP A 173 22.31 -33.35 27.53
CA ASP A 173 22.38 -32.66 28.80
C ASP A 173 21.16 -31.74 29.02
N SER A 174 21.37 -30.46 29.31
CA SER A 174 20.23 -29.61 29.63
C SER A 174 19.52 -29.01 28.41
N ARG A 175 19.97 -29.36 27.21
CA ARG A 175 19.51 -28.70 25.97
C ARG A 175 18.89 -29.70 24.97
N PHE A 176 18.11 -29.17 24.04
CA PHE A 176 17.51 -29.96 22.99
C PHE A 176 17.54 -29.18 21.69
N LEU A 177 17.41 -29.91 20.60
CA LEU A 177 17.54 -29.31 19.29
C LEU A 177 16.15 -29.20 18.66
N VAL A 178 15.85 -27.98 18.22
CA VAL A 178 14.60 -27.65 17.56
C VAL A 178 14.84 -27.67 16.06
N HIS A 179 14.00 -28.42 15.36
CA HIS A 179 14.11 -28.62 13.93
C HIS A 179 12.80 -28.16 13.27
N PHE A 180 12.93 -27.49 12.13
CA PHE A 180 11.75 -27.07 11.33
C PHE A 180 11.30 -28.11 10.34
N ASP A 181 10.16 -28.73 10.63
CA ASP A 181 9.71 -29.90 9.86
C ASP A 181 9.73 -29.62 8.35
N ASN A 182 10.41 -30.48 7.60
CA ASN A 182 10.45 -30.42 6.14
C ASN A 182 11.38 -29.35 5.59
N TRP A 183 12.08 -28.60 6.44
CA TRP A 183 13.12 -27.69 5.95
C TRP A 183 14.48 -28.34 6.21
N ASP A 184 15.57 -27.77 5.66
CA ASP A 184 16.90 -28.32 6.02
C ASP A 184 17.30 -27.91 7.42
N ASP A 185 18.45 -28.41 7.89
CA ASP A 185 18.86 -28.17 9.28
C ASP A 185 19.52 -26.80 9.54
N THR A 186 19.66 -25.96 8.50
CA THR A 186 20.32 -24.67 8.69
C THR A 186 19.52 -23.77 9.65
N TYR A 187 18.22 -24.04 9.78
CA TYR A 187 17.35 -23.27 10.68
C TYR A 187 17.30 -23.84 12.09
N ASP A 188 17.87 -25.02 12.29
CA ASP A 188 17.85 -25.70 13.61
C ASP A 188 18.52 -24.85 14.65
N TYR A 189 18.04 -24.97 15.88
CA TYR A 189 18.80 -24.41 17.00
C TYR A 189 18.60 -25.15 18.30
N TRP A 190 19.66 -25.10 19.11
CA TRP A 190 19.69 -25.71 20.43
C TRP A 190 19.15 -24.74 21.46
N CYS A 191 18.29 -25.21 22.34
CA CYS A 191 17.85 -24.32 23.39
C CYS A 191 17.42 -25.10 24.58
N ASP A 192 16.87 -24.43 25.58
CA ASP A 192 16.45 -25.11 26.79
C ASP A 192 14.97 -24.77 27.02
N PRO A 193 14.34 -25.37 28.06
CA PRO A 193 12.90 -25.20 28.25
C PRO A 193 12.40 -23.78 28.45
N SER A 194 13.30 -22.84 28.77
CA SER A 194 12.90 -21.45 28.98
C SER A 194 13.12 -20.55 27.78
N SER A 195 13.55 -21.11 26.64
CA SER A 195 13.79 -20.30 25.44
C SER A 195 12.55 -19.48 25.12
N PRO A 196 12.71 -18.16 24.88
CA PRO A 196 11.53 -17.37 24.48
C PRO A 196 11.05 -17.63 23.05
N TYR A 197 11.76 -18.49 22.32
CA TYR A 197 11.47 -18.75 20.91
C TYR A 197 10.60 -19.99 20.68
N ILE A 198 10.24 -20.71 21.75
CA ILE A 198 9.44 -21.90 21.61
C ILE A 198 8.15 -21.81 22.38
N HIS A 199 7.16 -22.59 21.96
CA HIS A 199 5.81 -22.57 22.50
C HIS A 199 5.18 -23.96 22.30
N PRO A 200 4.19 -24.33 23.15
CA PRO A 200 3.44 -25.58 22.89
C PRO A 200 2.62 -25.58 21.64
N VAL A 201 2.39 -26.78 21.10
CA VAL A 201 1.34 -27.04 20.12
C VAL A 201 0.05 -26.31 20.62
N GLY A 202 -0.51 -25.50 19.73
CA GLY A 202 -1.77 -24.81 20.00
C GLY A 202 -1.58 -23.35 20.38
N TRP A 203 -0.33 -22.95 20.66
CA TRP A 203 -0.05 -21.55 21.03
C TRP A 203 -0.52 -20.51 20.00
N CYS A 204 -0.19 -20.72 18.72
CA CYS A 204 -0.58 -19.76 17.64
C CYS A 204 -2.11 -19.66 17.60
N GLN A 205 -2.79 -20.79 17.68
CA GLN A 205 -4.25 -20.80 17.67
C GLN A 205 -4.83 -20.00 18.84
N LYS A 206 -4.34 -20.27 20.06
CA LYS A 206 -4.71 -19.49 21.24
C LYS A 206 -4.48 -17.99 21.03
N GLN A 207 -3.34 -17.64 20.43
CA GLN A 207 -2.92 -16.25 20.26
C GLN A 207 -3.59 -15.56 19.07
N GLY A 208 -4.36 -16.30 18.28
CA GLY A 208 -4.89 -15.75 17.02
C GLY A 208 -3.81 -15.41 16.00
N LYS A 209 -2.68 -16.13 16.06
CA LYS A 209 -1.52 -15.87 15.17
C LYS A 209 -1.41 -17.01 14.15
N PRO A 210 -0.99 -16.71 12.92
CA PRO A 210 -0.82 -17.76 11.93
C PRO A 210 0.34 -18.71 12.26
N LEU A 211 0.09 -19.98 12.03
CA LEU A 211 1.09 -21.00 12.18
C LEU A 211 1.58 -21.37 10.81
N THR A 212 2.89 -21.31 10.63
CA THR A 212 3.51 -21.71 9.36
C THR A 212 3.65 -23.26 9.34
N PRO A 213 2.90 -23.97 8.44
CA PRO A 213 2.96 -25.44 8.44
C PRO A 213 4.28 -25.93 7.80
N PRO A 214 4.58 -27.25 7.84
CA PRO A 214 5.83 -27.79 7.24
C PRO A 214 5.99 -27.39 5.76
N GLN A 215 7.22 -27.19 5.30
CA GLN A 215 7.43 -26.95 3.87
C GLN A 215 6.67 -27.96 3.00
N ASP A 216 5.93 -27.47 2.01
CA ASP A 216 5.31 -28.35 1.02
C ASP A 216 4.22 -29.27 1.58
N TYR A 217 3.69 -28.94 2.77
CA TYR A 217 2.57 -29.66 3.32
C TYR A 217 1.37 -29.54 2.37
N PRO A 218 0.77 -30.70 2.00
CA PRO A 218 -0.37 -30.58 1.07
C PRO A 218 -1.53 -29.79 1.66
N ASP A 219 -2.11 -28.93 0.83
CA ASP A 219 -3.23 -28.08 1.23
C ASP A 219 -2.92 -27.34 2.54
N PRO A 220 -1.85 -26.51 2.51
CA PRO A 220 -1.30 -25.93 3.74
C PRO A 220 -2.30 -25.07 4.51
N ASP A 221 -3.18 -24.38 3.78
CA ASP A 221 -4.18 -23.54 4.45
C ASP A 221 -5.09 -24.34 5.40
N ASN A 222 -5.26 -25.63 5.12
CA ASN A 222 -6.02 -26.51 6.03
C ASN A 222 -5.19 -27.38 7.01
N PHE A 223 -3.91 -27.04 7.21
CA PHE A 223 -3.11 -27.77 8.20
C PHE A 223 -3.78 -27.76 9.56
N CYS A 224 -3.77 -28.92 10.21
CA CYS A 224 -4.39 -29.10 11.49
C CYS A 224 -3.39 -29.91 12.37
N TRP A 225 -3.01 -29.39 13.54
CA TRP A 225 -2.12 -30.13 14.46
C TRP A 225 -2.65 -31.52 14.80
N GLU A 226 -3.95 -31.62 15.07
CA GLU A 226 -4.56 -32.86 15.55
C GLU A 226 -4.29 -33.96 14.51
N LYS A 227 -4.55 -33.63 13.25
CA LYS A 227 -4.28 -34.55 12.14
C LYS A 227 -2.79 -34.82 11.90
N TYR A 228 -1.96 -33.79 12.00
CA TYR A 228 -0.50 -33.92 11.81
C TYR A 228 0.13 -34.85 12.83
N LEU A 229 -0.26 -34.70 14.10
CA LEU A 229 0.26 -35.56 15.17
C LEU A 229 -0.16 -37.01 14.98
N GLU A 230 -1.43 -37.18 14.65
CA GLU A 230 -1.95 -38.53 14.33
C GLU A 230 -1.17 -39.18 13.19
N GLU A 231 -1.04 -38.48 12.06
CA GLU A 231 -0.32 -39.05 10.88
C GLU A 231 1.21 -39.24 11.04
N THR A 232 1.80 -38.52 12.00
CA THR A 232 3.24 -38.66 12.29
C THR A 232 3.55 -39.52 13.53
N GLY A 233 2.53 -40.13 14.15
CA GLY A 233 2.75 -40.89 15.39
C GLY A 233 3.49 -40.13 16.50
N ALA A 234 3.25 -38.83 16.58
CA ALA A 234 3.98 -37.93 17.48
C ALA A 234 3.07 -37.37 18.57
N SER A 235 3.70 -36.97 19.66
CA SER A 235 3.05 -36.32 20.78
C SER A 235 3.57 -34.88 20.85
N ALA A 236 2.76 -33.98 21.41
CA ALA A 236 3.16 -32.62 21.71
C ALA A 236 4.06 -32.62 22.95
N VAL A 237 5.06 -31.73 22.98
CA VAL A 237 5.77 -31.44 24.23
C VAL A 237 4.67 -30.95 25.20
N PRO A 238 4.58 -31.55 26.40
CA PRO A 238 3.55 -31.12 27.36
C PRO A 238 3.70 -29.65 27.72
N THR A 239 2.57 -28.99 27.93
CA THR A 239 2.53 -27.53 28.16
C THR A 239 3.28 -27.14 29.44
N TRP A 240 3.23 -27.99 30.48
CA TRP A 240 3.94 -27.69 31.74
C TRP A 240 5.47 -27.59 31.58
N ALA A 241 6.03 -28.19 30.52
CA ALA A 241 7.48 -28.28 30.36
C ALA A 241 8.14 -26.97 29.93
N PHE A 242 7.33 -26.06 29.38
CA PHE A 242 7.79 -24.77 28.92
C PHE A 242 7.89 -23.83 30.10
N LYS A 243 9.06 -23.21 30.27
CA LYS A 243 9.27 -22.27 31.39
C LYS A 243 9.44 -20.82 30.90
N VAL A 244 8.96 -19.86 31.68
CA VAL A 244 9.06 -18.45 31.29
C VAL A 244 10.43 -17.92 31.72
N ARG A 245 11.27 -17.57 30.77
CA ARG A 245 12.55 -16.89 31.05
C ARG A 245 12.31 -15.41 31.40
N PRO A 246 12.86 -14.92 32.55
CA PRO A 246 12.68 -13.50 32.84
C PRO A 246 13.44 -12.66 31.82
N PRO A 247 12.92 -11.47 31.46
CA PRO A 247 13.73 -10.56 30.66
C PRO A 247 15.07 -10.28 31.35
N HIS A 248 16.11 -10.03 30.56
CA HIS A 248 17.41 -9.70 31.11
C HIS A 248 17.34 -8.27 31.69
N SER A 249 18.39 -7.87 32.42
CA SER A 249 18.43 -6.57 33.11
C SER A 249 19.57 -5.65 32.68
N PHE A 250 20.10 -5.89 31.49
CA PHE A 250 21.01 -4.98 30.85
C PHE A 250 20.28 -3.66 30.50
N LEU A 251 20.96 -2.54 30.79
CA LEU A 251 20.44 -1.19 30.49
C LEU A 251 21.32 -0.52 29.46
N VAL A 252 20.71 0.30 28.60
CA VAL A 252 21.45 1.06 27.58
C VAL A 252 22.62 1.81 28.22
N ASN A 253 23.77 1.79 27.53
CA ASN A 253 25.04 2.43 27.94
C ASN A 253 25.95 1.64 28.86
N MET A 254 25.42 0.55 29.43
CA MET A 254 26.25 -0.41 30.17
C MET A 254 27.34 -0.96 29.24
N LYS A 255 28.52 -1.18 29.79
CA LYS A 255 29.68 -1.61 29.00
C LYS A 255 30.10 -3.03 29.36
N LEU A 256 30.71 -3.71 28.40
CA LEU A 256 31.12 -5.11 28.56
C LEU A 256 32.12 -5.46 27.46
N GLU A 257 32.42 -6.75 27.32
CA GLU A 257 33.26 -7.27 26.23
C GLU A 257 32.49 -8.22 25.30
N ALA A 258 32.83 -8.19 24.02
CA ALA A 258 32.10 -8.97 23.02
C ALA A 258 33.03 -9.37 21.88
N VAL A 259 32.91 -10.63 21.45
CA VAL A 259 33.59 -11.11 20.25
C VAL A 259 33.11 -10.31 19.03
N ASP A 260 34.05 -9.90 18.17
CA ASP A 260 33.74 -9.21 16.92
C ASP A 260 33.30 -10.24 15.90
N ARG A 261 32.17 -10.03 15.24
CA ARG A 261 31.64 -11.03 14.29
C ARG A 261 32.36 -11.01 12.95
N ARG A 262 33.00 -9.88 12.67
CA ARG A 262 33.76 -9.73 11.44
C ARG A 262 35.15 -10.33 11.51
N ASN A 263 35.80 -10.27 12.67
CA ASN A 263 37.00 -11.08 12.92
C ASN A 263 36.87 -11.75 14.27
N PRO A 264 36.33 -12.98 14.28
CA PRO A 264 36.02 -13.72 15.49
C PRO A 264 37.21 -13.98 16.43
N ALA A 265 38.44 -13.85 15.91
CA ALA A 265 39.62 -13.92 16.76
C ALA A 265 39.65 -12.78 17.81
N LEU A 266 39.01 -11.66 17.49
CA LEU A 266 39.10 -10.45 18.32
C LEU A 266 37.93 -10.28 19.29
N ILE A 267 38.25 -9.81 20.48
CA ILE A 267 37.23 -9.37 21.43
C ILE A 267 37.47 -7.88 21.74
N ARG A 268 36.38 -7.11 21.80
CA ARG A 268 36.41 -5.64 21.82
C ARG A 268 35.66 -5.04 22.99
N VAL A 269 36.07 -3.82 23.37
CA VAL A 269 35.31 -3.05 24.34
C VAL A 269 33.97 -2.74 23.69
N ALA A 270 32.89 -2.96 24.44
CA ALA A 270 31.55 -2.85 23.90
C ALA A 270 30.59 -2.11 24.82
N SER A 271 29.53 -1.59 24.20
CA SER A 271 28.44 -0.89 24.87
C SER A 271 27.07 -1.44 24.53
N VAL A 272 26.15 -1.42 25.51
CA VAL A 272 24.74 -1.72 25.22
C VAL A 272 24.08 -0.50 24.58
N GLU A 273 23.76 -0.64 23.31
CA GLU A 273 23.21 0.43 22.49
C GLU A 273 21.67 0.51 22.59
N ASP A 274 21.03 -0.66 22.66
CA ASP A 274 19.58 -0.77 22.75
C ASP A 274 19.23 -2.13 23.39
N VAL A 275 17.98 -2.28 23.82
CA VAL A 275 17.57 -3.51 24.54
C VAL A 275 16.19 -3.95 24.12
N GLU A 276 16.00 -5.27 24.12
CA GLU A 276 14.67 -5.88 24.05
C GLU A 276 14.53 -6.72 25.32
N ASP A 277 13.42 -7.44 25.47
CA ASP A 277 13.26 -8.37 26.59
C ASP A 277 14.38 -9.42 26.72
N HIS A 278 14.87 -9.92 25.59
CA HIS A 278 15.80 -11.09 25.61
C HIS A 278 17.02 -10.87 24.75
N ARG A 279 17.09 -9.69 24.14
CA ARG A 279 18.19 -9.34 23.27
C ARG A 279 18.77 -7.97 23.62
N ILE A 280 19.96 -7.76 23.10
CA ILE A 280 20.80 -6.64 23.45
C ILE A 280 21.42 -6.23 22.14
N LYS A 281 21.40 -4.92 21.87
CA LYS A 281 22.10 -4.38 20.71
C LYS A 281 23.50 -3.91 21.16
N ILE A 282 24.51 -4.54 20.56
CA ILE A 282 25.90 -4.29 20.90
C ILE A 282 26.49 -3.23 19.98
N HIS A 283 27.19 -2.29 20.61
CA HIS A 283 28.02 -1.32 19.90
C HIS A 283 29.50 -1.42 20.32
N PHE A 284 30.38 -1.45 19.34
CA PHE A 284 31.81 -1.42 19.63
C PHE A 284 32.26 0.05 19.78
N ASP A 285 32.64 0.42 21.00
CA ASP A 285 33.09 1.77 21.32
C ASP A 285 34.15 2.21 20.32
N GLY A 286 33.98 3.40 19.75
CA GLY A 286 34.97 3.93 18.80
C GLY A 286 34.68 3.59 17.35
N TRP A 287 33.87 2.57 17.13
CA TRP A 287 33.56 2.14 15.77
C TRP A 287 32.23 2.74 15.30
N SER A 288 32.01 2.69 13.99
CA SER A 288 30.76 3.10 13.38
C SER A 288 29.58 2.32 13.97
N HIS A 289 28.46 3.01 14.17
CA HIS A 289 27.21 2.35 14.52
C HIS A 289 26.75 1.37 13.43
N GLY A 290 27.30 1.51 12.22
CA GLY A 290 27.09 0.51 11.16
C GLY A 290 27.42 -0.91 11.64
N TYR A 291 28.36 -1.04 12.58
CA TYR A 291 28.80 -2.35 13.09
C TYR A 291 27.94 -2.89 14.23
N ASP A 292 26.98 -2.08 14.71
CA ASP A 292 26.09 -2.48 15.79
C ASP A 292 25.30 -3.74 15.37
N PHE A 293 25.03 -4.64 16.33
CA PHE A 293 24.30 -5.87 16.01
C PHE A 293 23.50 -6.37 17.21
N TRP A 294 22.37 -7.01 16.92
CA TRP A 294 21.52 -7.60 17.95
C TRP A 294 22.04 -8.99 18.26
N ILE A 295 22.01 -9.33 19.54
CA ILE A 295 22.46 -10.63 20.03
C ILE A 295 21.54 -11.04 21.20
N ASP A 296 21.25 -12.35 21.33
CA ASP A 296 20.54 -12.84 22.47
C ASP A 296 21.36 -12.66 23.72
N ALA A 297 20.67 -12.40 24.83
CA ALA A 297 21.36 -12.11 26.07
C ALA A 297 22.15 -13.32 26.61
N ASP A 298 21.77 -14.52 26.16
CA ASP A 298 22.48 -15.76 26.58
C ASP A 298 23.62 -16.23 25.62
N HIS A 299 23.92 -15.40 24.62
CA HIS A 299 24.96 -15.77 23.66
C HIS A 299 26.35 -15.99 24.30
N PRO A 300 27.02 -17.14 24.00
CA PRO A 300 28.30 -17.40 24.67
C PRO A 300 29.43 -16.42 24.37
N ASP A 301 29.24 -15.54 23.40
CA ASP A 301 30.26 -14.56 22.98
C ASP A 301 30.12 -13.12 23.49
N ILE A 302 29.42 -12.96 24.61
CA ILE A 302 29.47 -11.72 25.37
C ILE A 302 29.88 -12.05 26.82
N HIS A 303 30.59 -11.11 27.46
CA HIS A 303 31.25 -11.38 28.71
C HIS A 303 31.33 -10.08 29.52
N PRO A 304 31.37 -10.19 30.85
CA PRO A 304 31.55 -8.97 31.70
C PRO A 304 32.94 -8.35 31.48
N ALA A 305 33.05 -7.04 31.66
CA ALA A 305 34.36 -6.37 31.70
C ALA A 305 35.30 -7.14 32.61
N GLY A 306 36.54 -7.32 32.18
CA GLY A 306 37.54 -8.06 32.94
C GLY A 306 37.73 -9.49 32.46
N TRP A 307 36.81 -9.98 31.62
CA TRP A 307 36.85 -11.39 31.22
C TRP A 307 38.14 -11.70 30.44
N CYS A 308 38.47 -10.88 29.44
CA CYS A 308 39.70 -11.06 28.64
C CYS A 308 40.95 -11.06 29.53
N SER A 309 41.07 -10.02 30.33
CA SER A 309 42.22 -9.89 31.23
C SER A 309 42.34 -11.07 32.21
N LYS A 310 41.23 -11.51 32.79
CA LYS A 310 41.28 -12.64 33.72
C LYS A 310 41.54 -14.01 33.04
N THR A 311 41.20 -14.14 31.76
CA THR A 311 41.30 -15.45 31.09
C THR A 311 42.55 -15.55 30.18
N GLY A 312 43.22 -14.41 29.98
CA GLY A 312 44.43 -14.35 29.20
C GLY A 312 44.23 -14.22 27.70
N HIS A 313 43.21 -13.45 27.31
CA HIS A 313 42.87 -13.19 25.91
C HIS A 313 43.09 -11.69 25.69
N PRO A 314 43.73 -11.29 24.58
CA PRO A 314 43.82 -9.84 24.28
C PRO A 314 42.46 -9.13 24.18
N LEU A 315 42.38 -7.87 24.65
CA LEU A 315 41.15 -7.06 24.51
C LEU A 315 41.43 -5.86 23.63
N GLN A 316 40.65 -5.69 22.57
CA GLN A 316 40.82 -4.51 21.73
C GLN A 316 40.15 -3.32 22.44
N PRO A 317 40.96 -2.27 22.72
CA PRO A 317 40.43 -1.04 23.31
C PRO A 317 39.65 -0.25 22.24
N PRO A 318 38.82 0.74 22.65
CA PRO A 318 38.01 1.49 21.67
C PRO A 318 38.83 2.04 20.53
N LEU A 319 38.22 2.12 19.35
CA LEU A 319 38.87 2.71 18.17
C LEU A 319 38.97 4.25 18.33
N TRP B 7 -39.16 -31.34 -15.55
CA TRP B 7 -38.52 -31.07 -14.22
C TRP B 7 -39.08 -29.84 -13.52
N SER B 8 -39.19 -29.89 -12.19
CA SER B 8 -39.62 -28.71 -11.41
C SER B 8 -39.04 -28.76 -10.00
N TRP B 9 -38.70 -27.58 -9.47
CA TRP B 9 -38.22 -27.45 -8.10
C TRP B 9 -39.17 -28.15 -7.11
N GLU B 10 -40.46 -27.84 -7.17
CA GLU B 10 -41.47 -28.42 -6.26
C GLU B 10 -41.40 -29.95 -6.20
N SER B 11 -41.49 -30.61 -7.34
CA SER B 11 -41.40 -32.07 -7.37
C SER B 11 -40.06 -32.56 -6.82
N TYR B 12 -38.97 -31.87 -7.18
CA TYR B 12 -37.64 -32.30 -6.77
C TYR B 12 -37.44 -32.16 -5.26
N LEU B 13 -37.93 -31.06 -4.70
CA LEU B 13 -37.83 -30.82 -3.27
C LEU B 13 -38.61 -31.89 -2.48
N GLU B 14 -39.81 -32.19 -2.94
CA GLU B 14 -40.61 -33.27 -2.36
C GLU B 14 -39.90 -34.63 -2.45
N GLU B 15 -39.48 -35.02 -3.65
CA GLU B 15 -38.64 -36.21 -3.80
C GLU B 15 -37.50 -36.22 -2.76
N GLN B 16 -36.83 -35.09 -2.60
CA GLN B 16 -35.66 -35.02 -1.74
C GLN B 16 -36.00 -34.78 -0.28
N LYS B 17 -37.24 -34.34 -0.01
CA LYS B 17 -37.65 -33.81 1.30
C LYS B 17 -36.63 -32.77 1.73
N ALA B 18 -36.49 -31.76 0.88
CA ALA B 18 -35.43 -30.77 1.05
C ALA B 18 -36.01 -29.38 0.96
N ILE B 19 -35.18 -28.39 1.26
CA ILE B 19 -35.62 -27.00 1.20
C ILE B 19 -34.65 -26.15 0.35
N THR B 20 -35.17 -25.07 -0.20
CA THR B 20 -34.34 -24.11 -0.93
C THR B 20 -33.92 -22.98 0.02
N ALA B 21 -32.70 -22.48 -0.15
CA ALA B 21 -32.26 -21.25 0.50
C ALA B 21 -33.32 -20.17 0.24
N PRO B 22 -33.92 -19.58 1.33
CA PRO B 22 -34.84 -18.47 1.21
C PRO B 22 -34.22 -17.25 0.53
N VAL B 23 -35.05 -16.54 -0.22
CA VAL B 23 -34.63 -15.38 -0.99
C VAL B 23 -34.00 -14.30 -0.10
N SER B 24 -34.42 -14.23 1.17
CA SER B 24 -33.88 -13.26 2.12
C SER B 24 -32.39 -13.45 2.40
N LEU B 25 -31.88 -14.64 2.09
CA LEU B 25 -30.46 -14.95 2.32
C LEU B 25 -29.54 -14.31 1.26
N PHE B 26 -30.14 -13.80 0.19
CA PHE B 26 -29.38 -13.33 -0.98
C PHE B 26 -29.40 -11.82 -1.02
N GLN B 27 -28.35 -11.24 -1.61
CA GLN B 27 -28.36 -9.81 -1.96
C GLN B 27 -29.49 -9.57 -2.95
N ASP B 28 -30.09 -8.38 -2.91
CA ASP B 28 -31.14 -7.99 -3.88
C ASP B 28 -30.66 -8.26 -5.33
N SER B 29 -29.41 -7.94 -5.60
CA SER B 29 -28.81 -8.13 -6.95
C SER B 29 -28.71 -9.61 -7.41
N GLN B 30 -28.52 -10.55 -6.46
CA GLN B 30 -28.52 -11.99 -6.76
C GLN B 30 -29.94 -12.52 -7.02
N ALA B 31 -30.94 -11.89 -6.39
CA ALA B 31 -32.33 -12.36 -6.39
C ALA B 31 -33.24 -11.71 -7.47
N VAL B 32 -32.91 -10.50 -7.92
CA VAL B 32 -33.80 -9.76 -8.83
C VAL B 32 -34.04 -10.45 -10.18
N THR B 33 -35.31 -10.74 -10.47
CA THR B 33 -35.73 -11.47 -11.69
C THR B 33 -36.66 -10.67 -12.63
N HIS B 34 -37.17 -9.54 -12.17
CA HIS B 34 -38.15 -8.78 -12.97
C HIS B 34 -37.54 -7.77 -13.98
N ASN B 35 -36.23 -7.53 -13.91
CA ASN B 35 -35.55 -6.67 -14.88
C ASN B 35 -35.41 -7.39 -16.22
N LYS B 36 -35.73 -6.72 -17.31
CA LYS B 36 -35.50 -7.34 -18.60
C LYS B 36 -34.03 -7.09 -18.96
N ASN B 37 -33.50 -7.97 -19.80
CA ASN B 37 -32.16 -7.81 -20.35
C ASN B 37 -32.28 -6.96 -21.62
N GLY B 38 -31.79 -5.73 -21.57
CA GLY B 38 -31.85 -4.86 -22.71
C GLY B 38 -30.64 -4.96 -23.64
N PHE B 39 -29.61 -5.75 -23.25
CA PHE B 39 -28.39 -5.92 -24.10
C PHE B 39 -28.69 -6.72 -25.36
N LYS B 40 -28.17 -6.26 -26.50
CA LYS B 40 -28.43 -6.87 -27.82
C LYS B 40 -27.09 -7.28 -28.50
N LEU B 41 -27.13 -8.34 -29.32
CA LEU B 41 -25.94 -8.82 -29.99
C LEU B 41 -25.28 -7.70 -30.76
N GLY B 42 -23.95 -7.67 -30.68
CA GLY B 42 -23.13 -6.64 -31.34
C GLY B 42 -22.97 -5.31 -30.64
N MET B 43 -23.75 -5.06 -29.57
CA MET B 43 -23.61 -3.77 -28.88
C MET B 43 -22.21 -3.68 -28.27
N LYS B 44 -21.62 -2.48 -28.27
CA LYS B 44 -20.29 -2.26 -27.68
C LYS B 44 -20.32 -1.48 -26.35
N LEU B 45 -19.33 -1.71 -25.52
CA LEU B 45 -19.26 -1.09 -24.18
C LEU B 45 -17.85 -1.27 -23.63
N GLU B 46 -17.69 -0.88 -22.37
CA GLU B 46 -16.41 -0.93 -21.71
C GLU B 46 -16.55 -1.84 -20.48
N GLY B 47 -15.50 -2.56 -20.13
CA GLY B 47 -15.65 -3.35 -18.84
C GLY B 47 -14.36 -3.88 -18.30
N ILE B 48 -14.36 -4.31 -17.05
CA ILE B 48 -13.10 -4.86 -16.52
C ILE B 48 -12.82 -6.26 -17.04
N ASP B 49 -11.53 -6.56 -17.17
CA ASP B 49 -11.06 -7.89 -17.45
C ASP B 49 -11.15 -8.67 -16.13
N PRO B 50 -11.99 -9.73 -16.07
CA PRO B 50 -12.11 -10.47 -14.82
C PRO B 50 -10.73 -11.06 -14.39
N GLN B 51 -9.82 -11.29 -15.34
CA GLN B 51 -8.43 -11.75 -15.01
C GLN B 51 -7.49 -10.65 -14.46
N HIS B 52 -7.83 -9.40 -14.74
CA HIS B 52 -7.00 -8.24 -14.41
C HIS B 52 -7.95 -7.12 -14.01
N PRO B 53 -8.47 -7.18 -12.76
CA PRO B 53 -9.63 -6.39 -12.35
C PRO B 53 -9.36 -4.88 -12.30
N SER B 54 -8.11 -4.46 -12.43
CA SER B 54 -7.79 -3.02 -12.49
C SER B 54 -7.92 -2.44 -13.91
N MET B 55 -8.03 -3.34 -14.89
CA MET B 55 -7.87 -2.93 -16.30
C MET B 55 -9.22 -2.97 -17.03
N TYR B 56 -9.38 -2.05 -17.98
CA TYR B 56 -10.65 -1.87 -18.69
C TYR B 56 -10.43 -2.10 -20.18
N PHE B 57 -11.38 -2.84 -20.80
CA PHE B 57 -11.31 -3.15 -22.25
C PHE B 57 -12.60 -2.82 -22.97
N ILE B 58 -12.50 -2.76 -24.30
CA ILE B 58 -13.64 -2.60 -25.17
C ILE B 58 -14.21 -4.01 -25.35
N LEU B 59 -15.52 -4.15 -25.17
CA LEU B 59 -16.20 -5.44 -25.17
C LEU B 59 -17.40 -5.33 -26.07
N THR B 60 -17.74 -6.47 -26.67
CA THR B 60 -18.92 -6.60 -27.54
C THR B 60 -19.80 -7.73 -26.99
N VAL B 61 -21.12 -7.51 -27.01
CA VAL B 61 -22.13 -8.53 -26.69
C VAL B 61 -22.10 -9.64 -27.77
N ALA B 62 -21.63 -10.82 -27.35
CA ALA B 62 -21.42 -12.00 -28.24
C ALA B 62 -22.62 -12.94 -28.19
N GLU B 63 -23.33 -12.94 -27.05
CA GLU B 63 -24.46 -13.84 -26.81
C GLU B 63 -25.29 -13.29 -25.63
N VAL B 64 -26.59 -13.60 -25.62
CA VAL B 64 -27.45 -13.20 -24.53
C VAL B 64 -28.25 -14.45 -24.15
N CYS B 65 -28.32 -14.75 -22.86
CA CYS B 65 -29.15 -15.86 -22.39
C CYS B 65 -29.84 -15.45 -21.11
N GLY B 66 -31.15 -15.24 -21.19
CA GLY B 66 -31.92 -14.71 -20.07
C GLY B 66 -31.37 -13.37 -19.59
N TYR B 67 -30.97 -13.31 -18.32
CA TYR B 67 -30.48 -12.08 -17.73
C TYR B 67 -28.94 -12.06 -17.71
N ARG B 68 -28.35 -12.92 -18.54
CA ARG B 68 -26.91 -13.02 -18.67
C ARG B 68 -26.49 -12.62 -20.09
N LEU B 69 -25.23 -12.25 -20.24
CA LEU B 69 -24.66 -11.99 -21.56
C LEU B 69 -23.19 -12.40 -21.56
N ARG B 70 -22.73 -12.78 -22.75
CA ARG B 70 -21.36 -13.18 -23.01
C ARG B 70 -20.68 -11.99 -23.70
N LEU B 71 -19.53 -11.60 -23.14
CA LEU B 71 -18.78 -10.44 -23.61
C LEU B 71 -17.52 -10.90 -24.30
N HIS B 72 -17.22 -10.28 -25.44
CA HIS B 72 -16.03 -10.57 -26.24
C HIS B 72 -15.01 -9.39 -26.23
N PHE B 73 -13.73 -9.67 -25.98
CA PHE B 73 -12.71 -8.61 -26.07
C PHE B 73 -12.43 -8.31 -27.57
N ASP B 74 -12.77 -7.12 -28.02
CA ASP B 74 -12.58 -6.76 -29.44
C ASP B 74 -11.11 -6.95 -29.84
N GLY B 75 -10.87 -7.69 -30.92
CA GLY B 75 -9.52 -7.91 -31.43
C GLY B 75 -8.91 -9.21 -30.92
N TYR B 76 -9.44 -9.75 -29.82
CA TYR B 76 -8.86 -10.93 -29.19
C TYR B 76 -9.64 -12.20 -29.57
N SER B 77 -9.08 -13.35 -29.24
CA SER B 77 -9.79 -14.61 -29.45
C SER B 77 -11.14 -14.72 -28.71
N GLU B 78 -12.06 -15.49 -29.31
CA GLU B 78 -13.30 -15.96 -28.66
C GLU B 78 -13.02 -16.75 -27.39
N CYS B 79 -11.83 -17.35 -27.32
CA CYS B 79 -11.50 -18.18 -26.15
C CYS B 79 -11.47 -17.38 -24.83
N HIS B 80 -11.30 -16.06 -24.88
CA HIS B 80 -11.29 -15.29 -23.65
C HIS B 80 -12.66 -14.70 -23.31
N ASP B 81 -13.72 -15.04 -24.08
CA ASP B 81 -15.06 -14.53 -23.78
C ASP B 81 -15.50 -14.92 -22.36
N PHE B 82 -16.27 -14.06 -21.72
CA PHE B 82 -16.70 -14.33 -20.34
C PHE B 82 -18.16 -13.88 -20.15
N TRP B 83 -18.83 -14.44 -19.14
CA TRP B 83 -20.24 -14.16 -18.89
C TRP B 83 -20.43 -13.22 -17.72
N VAL B 84 -21.35 -12.25 -17.82
CA VAL B 84 -21.79 -11.45 -16.68
C VAL B 84 -23.32 -11.39 -16.66
N ASN B 85 -23.87 -10.91 -15.54
CA ASN B 85 -25.30 -10.63 -15.50
C ASN B 85 -25.53 -9.22 -16.04
N ALA B 86 -26.73 -8.93 -16.51
CA ALA B 86 -27.04 -7.60 -17.05
C ALA B 86 -27.01 -6.45 -15.99
N ASN B 87 -27.10 -6.82 -14.70
CA ASN B 87 -26.94 -5.84 -13.61
C ASN B 87 -25.51 -5.78 -13.06
N SER B 88 -24.54 -6.24 -13.85
CA SER B 88 -23.13 -6.25 -13.45
C SER B 88 -22.68 -4.81 -13.26
N PRO B 89 -21.96 -4.54 -12.14
CA PRO B 89 -21.40 -3.20 -11.97
C PRO B 89 -20.01 -3.07 -12.60
N ASP B 90 -19.57 -4.10 -13.32
CA ASP B 90 -18.18 -4.23 -13.82
C ASP B 90 -18.12 -3.94 -15.32
N ILE B 91 -19.22 -3.38 -15.82
CA ILE B 91 -19.37 -2.94 -17.21
C ILE B 91 -19.91 -1.50 -17.22
N HIS B 92 -19.58 -0.73 -18.24
CA HIS B 92 -19.88 0.72 -18.28
C HIS B 92 -20.13 1.12 -19.71
N PRO B 93 -20.94 2.18 -19.94
CA PRO B 93 -21.19 2.58 -21.34
C PRO B 93 -19.97 3.14 -22.06
N ALA B 94 -20.01 3.08 -23.39
CA ALA B 94 -18.92 3.67 -24.19
C ALA B 94 -18.74 5.14 -23.78
N GLY B 95 -17.51 5.54 -23.47
CA GLY B 95 -17.24 6.94 -23.22
C GLY B 95 -16.98 7.15 -21.74
N TRP B 96 -17.43 6.19 -20.93
CA TRP B 96 -17.26 6.24 -19.45
C TRP B 96 -15.77 6.44 -19.03
N PHE B 97 -14.84 5.70 -19.62
CA PHE B 97 -13.44 5.81 -19.22
C PHE B 97 -12.93 7.27 -19.17
N GLU B 98 -13.25 8.05 -20.21
CA GLU B 98 -12.63 9.37 -20.31
C GLU B 98 -13.38 10.43 -19.51
N LYS B 99 -14.64 10.15 -19.17
CA LYS B 99 -15.43 11.01 -18.28
C LYS B 99 -15.11 10.77 -16.77
N THR B 100 -14.41 9.67 -16.47
CA THR B 100 -14.25 9.23 -15.06
C THR B 100 -12.80 8.93 -14.65
N GLY B 101 -11.83 9.20 -15.52
CA GLY B 101 -10.42 9.02 -15.14
C GLY B 101 -9.88 7.59 -15.19
N HIS B 102 -10.40 6.79 -16.11
CA HIS B 102 -9.97 5.39 -16.23
C HIS B 102 -9.28 5.20 -17.56
N LYS B 103 -8.29 4.31 -17.55
CA LYS B 103 -7.56 3.97 -18.78
C LYS B 103 -8.33 2.89 -19.56
N LEU B 104 -8.47 3.08 -20.86
CA LEU B 104 -9.11 2.08 -21.68
C LEU B 104 -8.08 1.46 -22.62
N GLN B 105 -7.93 0.16 -22.52
CA GLN B 105 -7.08 -0.63 -23.45
C GLN B 105 -7.73 -0.63 -24.86
N PRO B 106 -6.94 -0.42 -25.92
CA PRO B 106 -7.53 -0.42 -27.26
C PRO B 106 -7.87 -1.86 -27.75
N PRO B 107 -8.64 -2.01 -28.84
CA PRO B 107 -8.80 -3.36 -29.37
C PRO B 107 -7.41 -3.95 -29.73
N LYS B 108 -7.28 -5.27 -29.69
CA LYS B 108 -5.97 -5.88 -30.01
C LYS B 108 -5.39 -5.35 -31.32
N GLY B 109 -4.15 -4.83 -31.26
CA GLY B 109 -3.44 -4.31 -32.44
C GLY B 109 -3.92 -2.99 -33.03
N TYR B 110 -4.86 -2.32 -32.37
CA TYR B 110 -5.37 -1.02 -32.84
C TYR B 110 -4.29 0.07 -32.68
N LYS B 111 -4.05 0.84 -33.74
CA LYS B 111 -2.85 1.67 -33.80
C LYS B 111 -3.03 3.18 -33.63
N GLU B 112 -4.26 3.61 -33.36
CA GLU B 112 -4.56 5.04 -33.14
C GLU B 112 -3.89 5.55 -31.88
N GLU B 113 -3.22 6.70 -32.01
CA GLU B 113 -2.53 7.30 -30.89
C GLU B 113 -3.54 7.60 -29.76
N GLU B 114 -4.72 8.05 -30.13
CA GLU B 114 -5.74 8.42 -29.15
C GLU B 114 -7.06 7.75 -29.52
N PHE B 115 -7.39 6.65 -28.84
CA PHE B 115 -8.63 5.90 -29.17
C PHE B 115 -9.81 6.85 -29.11
N SER B 116 -10.68 6.80 -30.13
CA SER B 116 -11.88 7.61 -30.15
C SER B 116 -13.07 6.70 -30.42
N TRP B 117 -14.07 6.75 -29.55
CA TRP B 117 -15.29 5.98 -29.80
C TRP B 117 -16.00 6.45 -31.07
N SER B 118 -16.03 7.75 -31.30
CA SER B 118 -16.76 8.24 -32.50
C SER B 118 -16.09 7.66 -33.75
N GLN B 119 -14.76 7.66 -33.79
CA GLN B 119 -14.01 7.06 -34.91
C GLN B 119 -14.23 5.53 -35.01
N TYR B 120 -14.19 4.83 -33.87
CA TYR B 120 -14.31 3.38 -33.87
C TYR B 120 -15.72 2.96 -34.29
N LEU B 121 -16.70 3.70 -33.79
CA LEU B 121 -18.09 3.43 -34.16
C LEU B 121 -18.35 3.72 -35.65
N ARG B 122 -17.71 4.75 -36.20
CA ARG B 122 -17.88 5.03 -37.65
C ARG B 122 -17.26 3.88 -38.48
N SER B 123 -16.07 3.47 -38.07
CA SER B 123 -15.36 2.39 -38.75
C SER B 123 -16.14 1.09 -38.71
N THR B 124 -16.63 0.72 -37.52
CA THR B 124 -17.31 -0.58 -37.33
C THR B 124 -18.76 -0.58 -37.74
N ARG B 125 -19.37 0.61 -37.83
CA ARG B 125 -20.83 0.78 -37.98
C ARG B 125 -21.62 0.08 -36.87
N ALA B 126 -20.98 -0.02 -35.69
CA ALA B 126 -21.58 -0.69 -34.50
C ALA B 126 -22.35 0.29 -33.66
N GLN B 127 -23.19 -0.25 -32.77
CA GLN B 127 -23.97 0.57 -31.86
C GLN B 127 -23.36 0.40 -30.45
N ALA B 128 -23.12 1.52 -29.74
CA ALA B 128 -22.86 1.44 -28.31
C ALA B 128 -24.11 1.03 -27.53
N ALA B 129 -23.94 0.16 -26.56
CA ALA B 129 -25.00 -0.20 -25.64
C ALA B 129 -25.51 1.10 -24.97
N PRO B 130 -26.83 1.33 -24.99
CA PRO B 130 -27.44 2.49 -24.35
C PRO B 130 -27.04 2.64 -22.88
N LYS B 131 -26.76 3.88 -22.46
CA LYS B 131 -26.39 4.13 -21.05
C LYS B 131 -27.40 3.65 -20.00
N HIS B 132 -28.69 3.64 -20.31
CA HIS B 132 -29.67 3.28 -19.27
C HIS B 132 -29.59 1.82 -18.82
N LEU B 133 -28.93 0.97 -19.61
CA LEU B 133 -28.77 -0.44 -19.27
C LEU B 133 -27.81 -0.68 -18.10
N PHE B 134 -26.97 0.30 -17.80
CA PHE B 134 -25.84 0.08 -16.89
C PHE B 134 -26.14 0.51 -15.45
N VAL B 135 -26.00 -0.40 -14.48
CA VAL B 135 -26.20 -0.02 -13.05
C VAL B 135 -25.10 0.94 -12.59
N SER B 136 -23.90 0.81 -13.16
CA SER B 136 -22.74 1.57 -12.67
C SER B 136 -22.20 2.47 -13.76
N GLN B 137 -22.26 3.79 -13.49
CA GLN B 137 -21.85 4.82 -14.46
C GLN B 137 -21.10 5.93 -13.73
N SER B 138 -20.64 5.60 -12.52
CA SER B 138 -19.99 6.57 -11.61
C SER B 138 -20.85 7.80 -11.25
N HIS B 139 -22.16 7.61 -11.12
CA HIS B 139 -23.09 8.70 -10.76
C HIS B 139 -23.71 8.56 -9.35
N SER B 140 -23.45 7.42 -8.71
CA SER B 140 -23.96 7.05 -7.38
C SER B 140 -23.04 7.51 -6.23
N PRO B 141 -23.57 7.60 -4.99
CA PRO B 141 -22.74 7.95 -3.83
C PRO B 141 -21.51 7.03 -3.68
N PRO B 142 -20.39 7.62 -3.31
CA PRO B 142 -19.16 6.84 -3.24
C PRO B 142 -19.08 6.01 -1.95
N PRO B 143 -18.08 5.10 -1.89
CA PRO B 143 -17.89 4.37 -0.62
C PRO B 143 -17.40 5.38 0.44
N LEU B 144 -18.24 5.62 1.45
CA LEU B 144 -17.92 6.61 2.46
C LEU B 144 -16.57 6.36 3.12
N GLY B 145 -15.68 7.34 3.05
CA GLY B 145 -14.39 7.27 3.74
C GLY B 145 -13.21 6.76 2.90
N PHE B 146 -13.48 6.16 1.73
CA PHE B 146 -12.43 5.50 0.96
C PHE B 146 -12.06 6.34 -0.25
N GLN B 147 -10.89 6.97 -0.23
CA GLN B 147 -10.44 7.76 -1.39
C GLN B 147 -9.32 7.07 -2.11
N VAL B 148 -9.21 7.32 -3.43
CA VAL B 148 -8.06 6.82 -4.20
C VAL B 148 -6.74 7.26 -3.55
N GLY B 149 -5.81 6.33 -3.39
CA GLY B 149 -4.54 6.69 -2.81
C GLY B 149 -4.41 6.31 -1.35
N MET B 150 -5.54 6.12 -0.67
CA MET B 150 -5.50 5.85 0.77
C MET B 150 -5.00 4.42 1.02
N LYS B 151 -4.43 4.19 2.20
CA LYS B 151 -3.87 2.88 2.52
C LYS B 151 -4.65 2.13 3.62
N LEU B 152 -4.53 0.80 3.61
CA LEU B 152 -5.29 -0.06 4.55
C LEU B 152 -4.54 -1.40 4.65
N GLU B 153 -5.06 -2.33 5.45
CA GLU B 153 -4.55 -3.71 5.50
C GLU B 153 -5.61 -4.60 4.90
N ALA B 154 -5.16 -5.54 4.09
CA ALA B 154 -6.11 -6.40 3.37
C ALA B 154 -5.64 -7.83 3.30
N VAL B 155 -6.62 -8.73 3.46
CA VAL B 155 -6.36 -10.17 3.23
C VAL B 155 -6.15 -10.39 1.73
N ASP B 156 -5.06 -11.07 1.41
CA ASP B 156 -4.84 -11.50 0.03
C ASP B 156 -5.76 -12.71 -0.17
N ARG B 157 -6.88 -12.50 -0.86
CA ARG B 157 -7.88 -13.56 -1.04
C ARG B 157 -7.35 -14.83 -1.75
N MET B 158 -6.21 -14.71 -2.42
CA MET B 158 -5.56 -15.85 -3.10
C MET B 158 -4.56 -16.55 -2.17
N ASN B 159 -4.14 -15.85 -1.11
CA ASN B 159 -3.23 -16.44 -0.11
C ASN B 159 -3.74 -15.99 1.25
N PRO B 160 -4.92 -16.49 1.68
CA PRO B 160 -5.68 -15.90 2.79
C PRO B 160 -5.04 -15.93 4.19
N SER B 161 -3.92 -16.60 4.37
CA SER B 161 -3.17 -16.51 5.61
C SER B 161 -2.43 -15.16 5.76
N LEU B 162 -2.38 -14.38 4.68
CA LEU B 162 -1.58 -13.17 4.62
C LEU B 162 -2.48 -11.94 4.66
N VAL B 163 -2.18 -11.07 5.64
CA VAL B 163 -2.78 -9.71 5.70
C VAL B 163 -1.68 -8.71 5.39
N CYS B 164 -1.91 -7.88 4.36
CA CYS B 164 -0.87 -7.16 3.67
C CYS B 164 -1.12 -5.65 3.57
N VAL B 165 -0.02 -4.92 3.40
CA VAL B 165 -0.06 -3.50 3.08
C VAL B 165 -0.78 -3.34 1.71
N ALA B 166 -1.82 -2.49 1.68
CA ALA B 166 -2.66 -2.34 0.48
C ALA B 166 -3.12 -0.90 0.31
N SER B 167 -3.62 -0.62 -0.89
CA SER B 167 -4.02 0.72 -1.31
C SER B 167 -5.35 0.65 -2.05
N VAL B 168 -6.11 1.72 -1.91
CA VAL B 168 -7.26 2.01 -2.79
C VAL B 168 -6.72 2.57 -4.12
N THR B 169 -6.97 1.87 -5.22
CA THR B 169 -6.46 2.38 -6.49
C THR B 169 -7.55 2.82 -7.51
N ASP B 170 -8.82 2.58 -7.18
CA ASP B 170 -9.95 2.93 -8.07
C ASP B 170 -11.17 3.05 -7.17
N VAL B 171 -12.09 3.97 -7.52
CA VAL B 171 -13.39 4.12 -6.86
C VAL B 171 -14.41 4.34 -7.96
N VAL B 172 -15.47 3.52 -7.95
CA VAL B 172 -16.52 3.53 -8.95
C VAL B 172 -17.82 3.25 -8.20
N ASP B 173 -18.70 4.26 -8.20
CA ASP B 173 -19.99 4.16 -7.49
C ASP B 173 -19.77 3.76 -6.04
N SER B 174 -20.39 2.67 -5.58
CA SER B 174 -20.30 2.28 -4.17
C SER B 174 -19.07 1.43 -3.76
N ARG B 175 -18.21 1.18 -4.73
CA ARG B 175 -17.14 0.18 -4.63
C ARG B 175 -15.77 0.79 -4.84
N PHE B 176 -14.75 0.10 -4.37
CA PHE B 176 -13.38 0.52 -4.60
C PHE B 176 -12.53 -0.70 -4.83
N LEU B 177 -11.35 -0.47 -5.39
CA LEU B 177 -10.42 -1.53 -5.79
C LEU B 177 -9.25 -1.54 -4.80
N VAL B 178 -9.06 -2.70 -4.21
CA VAL B 178 -7.94 -2.98 -3.31
C VAL B 178 -6.75 -3.55 -4.10
N HIS B 179 -5.59 -2.90 -3.95
CA HIS B 179 -4.34 -3.27 -4.63
C HIS B 179 -3.24 -3.63 -3.61
N PHE B 180 -2.45 -4.67 -3.90
CA PHE B 180 -1.34 -5.01 -3.01
C PHE B 180 -0.08 -4.35 -3.43
N ASP B 181 0.36 -3.39 -2.62
CA ASP B 181 1.54 -2.57 -2.93
C ASP B 181 2.75 -3.40 -3.39
N ASN B 182 3.31 -3.02 -4.53
CA ASN B 182 4.50 -3.68 -5.13
C ASN B 182 4.28 -5.09 -5.69
N TRP B 183 3.02 -5.54 -5.72
CA TRP B 183 2.66 -6.79 -6.37
C TRP B 183 1.92 -6.45 -7.65
N ASP B 184 1.73 -7.45 -8.51
CA ASP B 184 0.97 -7.19 -9.72
C ASP B 184 -0.54 -7.07 -9.45
N ASP B 185 -1.29 -6.74 -10.49
CA ASP B 185 -2.71 -6.45 -10.36
C ASP B 185 -3.57 -7.70 -10.22
N THR B 186 -2.98 -8.90 -10.36
CA THR B 186 -3.77 -10.14 -10.39
C THR B 186 -4.44 -10.41 -9.08
N TYR B 187 -3.83 -9.88 -8.02
CA TYR B 187 -4.30 -9.98 -6.66
C TYR B 187 -5.33 -8.90 -6.31
N ASP B 188 -5.51 -7.89 -7.17
CA ASP B 188 -6.50 -6.79 -6.94
C ASP B 188 -7.91 -7.36 -6.81
N TYR B 189 -8.73 -6.74 -5.95
CA TYR B 189 -10.15 -7.09 -5.92
C TYR B 189 -11.03 -5.90 -5.50
N TRP B 190 -12.20 -5.90 -6.11
CA TRP B 190 -13.23 -4.89 -5.88
C TRP B 190 -14.00 -5.23 -4.62
N CYS B 191 -14.22 -4.24 -3.77
CA CYS B 191 -15.13 -4.48 -2.66
C CYS B 191 -15.80 -3.20 -2.21
N ASP B 192 -16.52 -3.28 -1.08
CA ASP B 192 -17.13 -2.10 -0.48
C ASP B 192 -16.75 -2.03 1.00
N PRO B 193 -17.15 -0.95 1.70
CA PRO B 193 -16.74 -0.75 3.08
C PRO B 193 -17.12 -1.84 4.07
N SER B 194 -18.04 -2.73 3.67
CA SER B 194 -18.51 -3.85 4.51
C SER B 194 -17.74 -5.15 4.30
N SER B 195 -16.74 -5.15 3.41
CA SER B 195 -15.93 -6.35 3.11
C SER B 195 -15.23 -6.90 4.36
N PRO B 196 -15.36 -8.22 4.61
CA PRO B 196 -14.67 -8.76 5.78
C PRO B 196 -13.16 -8.97 5.58
N TYR B 197 -12.68 -8.63 4.39
CA TYR B 197 -11.29 -8.89 4.04
C TYR B 197 -10.38 -7.70 4.28
N ILE B 198 -10.96 -6.57 4.71
CA ILE B 198 -10.21 -5.30 4.78
C ILE B 198 -10.19 -4.78 6.19
N HIS B 199 -9.12 -4.05 6.53
CA HIS B 199 -8.95 -3.56 7.91
C HIS B 199 -8.19 -2.24 7.89
N PRO B 200 -8.38 -1.39 8.93
CA PRO B 200 -7.57 -0.17 8.94
C PRO B 200 -6.08 -0.40 9.19
N VAL B 201 -5.28 0.54 8.73
CA VAL B 201 -3.89 0.67 9.18
C VAL B 201 -3.81 0.47 10.72
N GLY B 202 -2.94 -0.44 11.16
CA GLY B 202 -2.78 -0.71 12.60
C GLY B 202 -3.54 -1.90 13.15
N TRP B 203 -4.46 -2.46 12.37
CA TRP B 203 -5.27 -3.61 12.80
C TRP B 203 -4.41 -4.81 13.23
N CYS B 204 -3.47 -5.22 12.39
CA CYS B 204 -2.56 -6.34 12.74
C CYS B 204 -1.83 -6.10 14.05
N GLN B 205 -1.30 -4.89 14.23
CA GLN B 205 -0.52 -4.55 15.43
C GLN B 205 -1.39 -4.62 16.66
N LYS B 206 -2.60 -4.04 16.59
CA LYS B 206 -3.55 -4.11 17.71
C LYS B 206 -3.89 -5.57 18.05
N GLN B 207 -4.01 -6.40 17.01
CA GLN B 207 -4.39 -7.78 17.16
C GLN B 207 -3.26 -8.68 17.56
N GLY B 208 -2.02 -8.20 17.51
CA GLY B 208 -0.84 -9.06 17.65
C GLY B 208 -0.63 -10.03 16.48
N LYS B 209 -1.12 -9.70 15.28
CA LYS B 209 -0.93 -10.51 14.08
C LYS B 209 0.20 -9.94 13.19
N PRO B 210 0.91 -10.78 12.42
CA PRO B 210 1.90 -10.24 11.52
C PRO B 210 1.31 -9.56 10.28
N LEU B 211 1.91 -8.42 9.95
CA LEU B 211 1.56 -7.68 8.74
C LEU B 211 2.59 -7.96 7.66
N THR B 212 2.13 -8.39 6.49
CA THR B 212 3.01 -8.67 5.37
C THR B 212 3.30 -7.35 4.62
N PRO B 213 4.58 -6.89 4.63
CA PRO B 213 4.91 -5.60 3.99
C PRO B 213 4.93 -5.72 2.46
N PRO B 214 5.04 -4.58 1.74
CA PRO B 214 5.13 -4.61 0.30
C PRO B 214 6.26 -5.54 -0.20
N GLN B 215 6.03 -6.26 -1.29
CA GLN B 215 7.04 -7.07 -1.90
C GLN B 215 8.33 -6.24 -2.04
N ASP B 216 9.45 -6.81 -1.60
CA ASP B 216 10.76 -6.20 -1.77
C ASP B 216 10.93 -4.92 -0.95
N TYR B 217 10.14 -4.74 0.09
CA TYR B 217 10.37 -3.57 0.96
C TYR B 217 11.74 -3.74 1.67
N PRO B 218 12.63 -2.72 1.58
CA PRO B 218 14.06 -2.83 1.96
C PRO B 218 14.43 -3.44 3.33
N ASP B 219 13.76 -3.07 4.42
CA ASP B 219 14.13 -3.72 5.68
C ASP B 219 12.88 -4.33 6.33
N PRO B 220 12.28 -5.36 5.67
CA PRO B 220 10.86 -5.71 5.85
C PRO B 220 10.49 -6.00 7.29
N ASP B 221 11.38 -6.69 8.01
CA ASP B 221 11.13 -7.00 9.40
C ASP B 221 10.92 -5.72 10.23
N ASN B 222 11.50 -4.61 9.76
CA ASN B 222 11.35 -3.30 10.40
C ASN B 222 10.35 -2.34 9.71
N PHE B 223 9.43 -2.91 8.94
CA PHE B 223 8.42 -2.13 8.28
C PHE B 223 7.61 -1.38 9.31
N CYS B 224 7.38 -0.11 9.04
CA CYS B 224 6.68 0.77 9.94
C CYS B 224 5.65 1.58 9.10
N TRP B 225 4.36 1.46 9.44
CA TRP B 225 3.28 2.20 8.74
C TRP B 225 3.48 3.72 8.74
N GLU B 226 3.85 4.28 9.89
CA GLU B 226 4.04 5.72 10.00
C GLU B 226 5.09 6.23 9.01
N LYS B 227 6.21 5.51 8.88
CA LYS B 227 7.26 5.89 7.92
C LYS B 227 6.80 5.71 6.46
N TYR B 228 6.12 4.60 6.23
CA TYR B 228 5.61 4.26 4.89
C TYR B 228 4.64 5.31 4.38
N LEU B 229 3.69 5.68 5.23
CA LEU B 229 2.71 6.72 4.86
C LEU B 229 3.45 8.03 4.55
N GLU B 230 4.41 8.38 5.39
CA GLU B 230 5.20 9.58 5.15
C GLU B 230 5.93 9.54 3.81
N GLU B 231 6.70 8.48 3.56
CA GLU B 231 7.50 8.38 2.33
C GLU B 231 6.69 8.23 1.02
N THR B 232 5.43 7.77 1.14
CA THR B 232 4.54 7.65 -0.04
C THR B 232 3.52 8.81 -0.15
N GLY B 233 3.61 9.82 0.73
CA GLY B 233 2.66 10.92 0.76
C GLY B 233 1.20 10.51 0.90
N ALA B 234 0.95 9.41 1.64
CA ALA B 234 -0.36 8.78 1.71
C ALA B 234 -1.01 8.91 3.09
N SER B 235 -2.33 8.81 3.10
CA SER B 235 -3.11 8.75 4.32
C SER B 235 -3.71 7.36 4.49
N ALA B 236 -3.96 6.99 5.76
CA ALA B 236 -4.77 5.80 6.08
C ALA B 236 -6.25 6.06 5.79
N VAL B 237 -6.95 5.03 5.28
CA VAL B 237 -8.42 5.08 5.27
C VAL B 237 -8.81 5.23 6.74
N PRO B 238 -9.68 6.21 7.08
CA PRO B 238 -10.07 6.36 8.53
C PRO B 238 -10.79 5.15 9.06
N THR B 239 -10.57 4.86 10.33
CA THR B 239 -11.04 3.64 10.97
C THR B 239 -12.57 3.48 10.95
N TRP B 240 -13.28 4.59 11.06
CA TRP B 240 -14.76 4.59 11.06
C TRP B 240 -15.36 4.14 9.72
N ALA B 241 -14.60 4.27 8.62
CA ALA B 241 -15.06 3.87 7.29
C ALA B 241 -15.31 2.37 7.12
N PHE B 242 -14.64 1.55 7.96
CA PHE B 242 -14.76 0.08 7.94
C PHE B 242 -16.01 -0.40 8.69
N LYS B 243 -16.99 -0.90 7.95
CA LYS B 243 -18.31 -1.23 8.52
C LYS B 243 -18.71 -2.60 8.07
N VAL B 244 -18.03 -3.62 8.59
CA VAL B 244 -18.17 -5.01 8.09
C VAL B 244 -19.58 -5.58 8.14
N ARG B 245 -19.94 -6.35 7.12
CA ARG B 245 -21.27 -6.95 7.08
C ARG B 245 -21.35 -8.18 7.99
N PRO B 246 -22.56 -8.51 8.46
CA PRO B 246 -22.75 -9.74 9.23
C PRO B 246 -22.45 -10.97 8.36
N PRO B 247 -22.00 -12.09 8.96
CA PRO B 247 -21.92 -13.34 8.15
C PRO B 247 -23.28 -13.74 7.54
N HIS B 248 -23.27 -14.58 6.51
CA HIS B 248 -24.51 -14.98 5.83
C HIS B 248 -25.24 -15.99 6.72
N SER B 249 -26.49 -16.28 6.39
CA SER B 249 -27.30 -17.22 7.18
C SER B 249 -27.74 -18.47 6.38
N PHE B 250 -26.96 -18.82 5.36
CA PHE B 250 -27.11 -20.10 4.68
C PHE B 250 -26.76 -21.27 5.60
N LEU B 251 -27.58 -22.32 5.51
CA LEU B 251 -27.28 -23.57 6.20
C LEU B 251 -27.08 -24.73 5.21
N VAL B 252 -26.24 -25.67 5.62
CA VAL B 252 -25.96 -26.89 4.88
C VAL B 252 -27.24 -27.61 4.45
N ASN B 253 -27.16 -28.17 3.24
CA ASN B 253 -28.27 -28.82 2.52
C ASN B 253 -29.35 -27.90 1.93
N MET B 254 -29.32 -26.59 2.18
CA MET B 254 -30.24 -25.70 1.46
C MET B 254 -29.91 -25.74 -0.04
N LYS B 255 -30.93 -25.67 -0.89
CA LYS B 255 -30.72 -25.77 -2.33
C LYS B 255 -30.86 -24.43 -3.04
N LEU B 256 -30.11 -24.31 -4.15
CA LEU B 256 -30.16 -23.07 -4.93
C LEU B 256 -29.72 -23.30 -6.38
N GLU B 257 -29.43 -22.20 -7.08
CA GLU B 257 -28.93 -22.26 -8.46
C GLU B 257 -27.57 -21.58 -8.57
N ALA B 258 -26.65 -22.19 -9.30
CA ALA B 258 -25.28 -21.70 -9.41
C ALA B 258 -24.73 -21.93 -10.81
N VAL B 259 -24.02 -20.93 -11.34
CA VAL B 259 -23.29 -21.04 -12.60
C VAL B 259 -22.22 -22.09 -12.41
N ASP B 260 -22.08 -22.96 -13.41
CA ASP B 260 -21.02 -23.97 -13.43
C ASP B 260 -19.72 -23.33 -13.84
N ARG B 261 -18.77 -23.25 -12.90
CA ARG B 261 -17.45 -22.67 -13.16
C ARG B 261 -16.66 -23.35 -14.29
N ARG B 262 -16.76 -24.67 -14.38
CA ARG B 262 -16.11 -25.41 -15.49
C ARG B 262 -16.67 -24.80 -16.77
N ASN B 263 -17.98 -25.00 -17.01
CA ASN B 263 -18.68 -24.43 -18.17
C ASN B 263 -19.69 -23.29 -17.89
N PRO B 264 -19.18 -22.04 -17.92
CA PRO B 264 -19.90 -20.89 -17.40
C PRO B 264 -21.20 -20.52 -18.14
N ALA B 265 -21.47 -21.08 -19.32
CA ALA B 265 -22.78 -20.81 -19.95
C ALA B 265 -23.92 -21.54 -19.21
N LEU B 266 -23.57 -22.54 -18.39
CA LEU B 266 -24.57 -23.39 -17.73
C LEU B 266 -24.80 -22.97 -16.27
N ILE B 267 -26.06 -23.07 -15.86
CA ILE B 267 -26.47 -22.87 -14.45
C ILE B 267 -27.14 -24.18 -14.03
N ARG B 268 -26.73 -24.71 -12.87
CA ARG B 268 -27.22 -26.01 -12.40
C ARG B 268 -27.92 -25.95 -11.04
N VAL B 269 -28.84 -26.89 -10.84
CA VAL B 269 -29.36 -27.19 -9.49
C VAL B 269 -28.19 -27.48 -8.55
N ALA B 270 -28.15 -26.78 -7.40
CA ALA B 270 -27.03 -26.85 -6.46
C ALA B 270 -27.50 -26.93 -4.99
N SER B 271 -26.59 -27.39 -4.14
CA SER B 271 -26.82 -27.53 -2.70
C SER B 271 -25.67 -26.93 -1.93
N VAL B 272 -25.98 -26.42 -0.74
CA VAL B 272 -24.94 -25.94 0.16
C VAL B 272 -24.33 -27.18 0.83
N GLU B 273 -23.07 -27.44 0.53
CA GLU B 273 -22.33 -28.61 1.01
C GLU B 273 -21.67 -28.33 2.35
N ASP B 274 -21.26 -27.09 2.54
CA ASP B 274 -20.55 -26.67 3.73
C ASP B 274 -20.61 -25.14 3.81
N VAL B 275 -20.38 -24.61 5.01
CA VAL B 275 -20.44 -23.18 5.22
C VAL B 275 -19.21 -22.71 6.00
N GLU B 276 -18.78 -21.47 5.72
CA GLU B 276 -17.85 -20.69 6.56
C GLU B 276 -18.60 -19.41 6.85
N ASP B 277 -17.96 -18.45 7.53
CA ASP B 277 -18.62 -17.19 7.86
C ASP B 277 -19.14 -16.42 6.64
N HIS B 278 -18.32 -16.33 5.59
CA HIS B 278 -18.79 -15.48 4.46
C HIS B 278 -18.79 -16.21 3.15
N ARG B 279 -18.54 -17.52 3.23
CA ARG B 279 -18.54 -18.38 2.05
C ARG B 279 -19.39 -19.61 2.24
N ILE B 280 -19.80 -20.18 1.11
CA ILE B 280 -20.54 -21.45 1.03
C ILE B 280 -19.82 -22.37 0.08
N LYS B 281 -19.89 -23.67 0.35
CA LYS B 281 -19.36 -24.68 -0.57
C LYS B 281 -20.50 -25.26 -1.40
N ILE B 282 -20.38 -25.16 -2.73
CA ILE B 282 -21.44 -25.57 -3.63
C ILE B 282 -21.19 -26.99 -4.10
N HIS B 283 -22.24 -27.81 -4.09
CA HIS B 283 -22.23 -29.13 -4.67
C HIS B 283 -23.27 -29.12 -5.80
N PHE B 284 -22.90 -29.57 -7.01
CA PHE B 284 -23.92 -29.78 -8.07
C PHE B 284 -24.59 -31.16 -7.94
N ASP B 285 -25.88 -31.12 -7.65
CA ASP B 285 -26.72 -32.28 -7.40
C ASP B 285 -26.63 -33.29 -8.54
N GLY B 286 -26.29 -34.55 -8.18
CA GLY B 286 -26.15 -35.63 -9.15
C GLY B 286 -24.72 -35.84 -9.63
N TRP B 287 -23.85 -34.87 -9.38
CA TRP B 287 -22.49 -34.88 -9.88
C TRP B 287 -21.47 -35.25 -8.80
N SER B 288 -20.30 -35.73 -9.22
CA SER B 288 -19.24 -36.01 -8.25
C SER B 288 -18.91 -34.79 -7.36
N HIS B 289 -18.56 -35.06 -6.10
CA HIS B 289 -18.16 -34.04 -5.13
C HIS B 289 -16.80 -33.48 -5.48
N GLY B 290 -16.11 -34.15 -6.41
CA GLY B 290 -14.87 -33.63 -7.01
C GLY B 290 -15.04 -32.25 -7.64
N TYR B 291 -16.26 -31.97 -8.12
CA TYR B 291 -16.59 -30.66 -8.71
C TYR B 291 -16.97 -29.57 -7.68
N ASP B 292 -17.11 -29.95 -6.41
CA ASP B 292 -17.54 -29.00 -5.39
C ASP B 292 -16.57 -27.84 -5.28
N PHE B 293 -17.09 -26.66 -4.92
CA PHE B 293 -16.27 -25.48 -4.86
C PHE B 293 -16.82 -24.46 -3.89
N TRP B 294 -15.89 -23.80 -3.19
CA TRP B 294 -16.17 -22.64 -2.32
C TRP B 294 -16.42 -21.36 -3.11
N ILE B 295 -17.36 -20.56 -2.65
CA ILE B 295 -17.73 -19.32 -3.32
C ILE B 295 -18.17 -18.30 -2.23
N ASP B 296 -17.81 -17.02 -2.38
CA ASP B 296 -18.36 -16.02 -1.46
C ASP B 296 -19.89 -15.94 -1.54
N ALA B 297 -20.56 -15.74 -0.40
CA ALA B 297 -22.03 -15.71 -0.39
C ALA B 297 -22.61 -14.55 -1.19
N ASP B 298 -21.82 -13.52 -1.42
CA ASP B 298 -22.26 -12.36 -2.22
C ASP B 298 -21.87 -12.42 -3.72
N HIS B 299 -21.32 -13.54 -4.16
CA HIS B 299 -20.85 -13.67 -5.54
C HIS B 299 -22.05 -13.55 -6.47
N PRO B 300 -21.89 -12.80 -7.58
CA PRO B 300 -23.03 -12.64 -8.48
C PRO B 300 -23.49 -13.89 -9.22
N ASP B 301 -22.75 -14.99 -9.15
CA ASP B 301 -23.17 -16.20 -9.88
C ASP B 301 -23.84 -17.29 -9.08
N ILE B 302 -24.43 -16.91 -7.94
CA ILE B 302 -25.38 -17.75 -7.19
C ILE B 302 -26.68 -17.01 -7.00
N HIS B 303 -27.77 -17.79 -7.03
CA HIS B 303 -29.13 -17.27 -7.15
C HIS B 303 -30.14 -18.17 -6.43
N PRO B 304 -31.26 -17.58 -5.98
CA PRO B 304 -32.28 -18.46 -5.36
C PRO B 304 -32.87 -19.44 -6.39
N ALA B 305 -33.39 -20.58 -5.91
CA ALA B 305 -34.27 -21.39 -6.73
C ALA B 305 -35.31 -20.53 -7.45
N GLY B 306 -35.52 -20.82 -8.74
CA GLY B 306 -36.50 -20.08 -9.51
C GLY B 306 -35.91 -19.00 -10.42
N TRP B 307 -34.67 -18.61 -10.16
CA TRP B 307 -34.07 -17.47 -10.84
C TRP B 307 -34.00 -17.71 -12.35
N CYS B 308 -33.55 -18.89 -12.73
CA CYS B 308 -33.42 -19.28 -14.15
C CYS B 308 -34.77 -19.23 -14.86
N SER B 309 -35.75 -19.90 -14.26
CA SER B 309 -37.11 -19.92 -14.79
C SER B 309 -37.66 -18.51 -15.03
N LYS B 310 -37.55 -17.66 -14.02
CA LYS B 310 -38.08 -16.31 -14.06
C LYS B 310 -37.36 -15.33 -14.99
N THR B 311 -36.15 -15.68 -15.41
CA THR B 311 -35.33 -14.74 -16.19
C THR B 311 -35.11 -15.24 -17.60
N GLY B 312 -35.65 -16.42 -17.89
CA GLY B 312 -35.53 -17.00 -19.20
C GLY B 312 -34.22 -17.69 -19.51
N HIS B 313 -33.50 -18.17 -18.48
CA HIS B 313 -32.25 -18.95 -18.65
C HIS B 313 -32.53 -20.45 -18.47
N PRO B 314 -31.95 -21.33 -19.33
CA PRO B 314 -32.04 -22.78 -19.09
C PRO B 314 -31.41 -23.20 -17.75
N LEU B 315 -32.10 -24.09 -17.02
CA LEU B 315 -31.56 -24.65 -15.76
C LEU B 315 -31.17 -26.11 -15.95
N GLN B 316 -29.94 -26.48 -15.60
CA GLN B 316 -29.57 -27.88 -15.70
C GLN B 316 -30.10 -28.63 -14.48
N PRO B 317 -30.90 -29.69 -14.71
CA PRO B 317 -31.37 -30.48 -13.57
C PRO B 317 -30.26 -31.38 -13.04
N PRO B 318 -30.48 -31.97 -11.83
CA PRO B 318 -29.55 -32.92 -11.25
C PRO B 318 -29.23 -33.98 -12.31
N LEU B 319 -27.98 -34.44 -12.34
CA LEU B 319 -27.52 -35.44 -13.27
C LEU B 319 -28.15 -36.82 -12.98
N TRP C 7 -34.96 16.11 -17.93
CA TRP C 7 -34.81 17.60 -17.98
C TRP C 7 -33.97 17.96 -19.18
N SER C 8 -34.32 19.04 -19.87
CA SER C 8 -33.48 19.49 -20.98
C SER C 8 -33.46 21.01 -20.98
N TRP C 9 -32.36 21.60 -21.44
CA TRP C 9 -32.30 23.05 -21.69
C TRP C 9 -33.40 23.52 -22.65
N GLU C 10 -33.67 22.70 -23.65
CA GLU C 10 -34.67 22.98 -24.68
C GLU C 10 -36.06 23.24 -24.05
N SER C 11 -36.53 22.29 -23.26
CA SER C 11 -37.82 22.37 -22.55
C SER C 11 -37.88 23.49 -21.53
N TYR C 12 -36.79 23.65 -20.78
CA TYR C 12 -36.73 24.64 -19.74
C TYR C 12 -36.78 26.07 -20.31
N LEU C 13 -36.06 26.30 -21.41
CA LEU C 13 -36.07 27.63 -22.02
C LEU C 13 -37.44 27.97 -22.58
N GLU C 14 -38.12 26.95 -23.09
CA GLU C 14 -39.48 27.05 -23.57
C GLU C 14 -40.44 27.39 -22.41
N GLU C 15 -40.42 26.57 -21.33
CA GLU C 15 -41.17 26.88 -20.11
C GLU C 15 -40.91 28.30 -19.58
N GLN C 16 -39.66 28.77 -19.68
CA GLN C 16 -39.27 30.06 -19.07
C GLN C 16 -39.36 31.25 -20.01
N LYS C 17 -39.61 30.98 -21.30
CA LYS C 17 -39.49 31.97 -22.38
C LYS C 17 -38.15 32.72 -22.23
N ALA C 18 -37.09 31.95 -22.12
CA ALA C 18 -35.78 32.51 -21.81
C ALA C 18 -34.80 32.10 -22.89
N ILE C 19 -33.67 32.80 -22.93
CA ILE C 19 -32.54 32.45 -23.80
C ILE C 19 -31.26 32.13 -22.98
N THR C 20 -30.44 31.26 -23.54
CA THR C 20 -29.09 31.01 -23.04
C THR C 20 -28.11 32.08 -23.58
N ALA C 21 -27.16 32.50 -22.74
CA ALA C 21 -26.00 33.27 -23.18
C ALA C 21 -25.32 32.53 -24.34
N PRO C 22 -25.25 33.16 -25.55
CA PRO C 22 -24.58 32.51 -26.70
C PRO C 22 -23.12 32.10 -26.43
N VAL C 23 -22.70 31.02 -27.07
CA VAL C 23 -21.32 30.54 -26.91
C VAL C 23 -20.29 31.66 -27.14
N SER C 24 -20.59 32.58 -28.06
CA SER C 24 -19.63 33.60 -28.49
C SER C 24 -19.36 34.64 -27.42
N LEU C 25 -20.19 34.68 -26.38
CA LEU C 25 -19.96 35.58 -25.27
C LEU C 25 -18.79 35.12 -24.35
N PHE C 26 -18.47 33.83 -24.41
CA PHE C 26 -17.48 33.19 -23.51
C PHE C 26 -16.07 33.17 -24.09
N GLN C 27 -15.07 32.99 -23.25
CA GLN C 27 -13.69 32.75 -23.72
C GLN C 27 -13.66 31.36 -24.33
N ASP C 28 -12.81 31.16 -25.33
CA ASP C 28 -12.59 29.85 -25.92
C ASP C 28 -12.39 28.73 -24.88
N SER C 29 -11.55 28.99 -23.88
CA SER C 29 -11.25 28.00 -22.81
C SER C 29 -12.47 27.66 -21.92
N GLN C 30 -13.41 28.60 -21.77
CA GLN C 30 -14.69 28.33 -21.06
C GLN C 30 -15.68 27.45 -21.86
N ALA C 31 -15.66 27.56 -23.19
CA ALA C 31 -16.64 26.94 -24.05
C ALA C 31 -16.23 25.61 -24.64
N VAL C 32 -14.93 25.37 -24.75
CA VAL C 32 -14.44 24.16 -25.46
C VAL C 32 -14.91 22.87 -24.78
N THR C 33 -15.59 22.04 -25.58
CA THR C 33 -16.15 20.78 -25.08
C THR C 33 -15.57 19.57 -25.82
N HIS C 34 -14.91 19.80 -26.93
CA HIS C 34 -14.45 18.70 -27.80
C HIS C 34 -13.11 18.06 -27.36
N ASN C 35 -12.39 18.69 -26.42
CA ASN C 35 -11.13 18.14 -25.89
C ASN C 35 -11.49 17.08 -24.89
N LYS C 36 -10.89 15.90 -25.01
CA LYS C 36 -11.15 14.83 -24.03
C LYS C 36 -10.29 15.08 -22.76
N ASN C 37 -10.77 14.55 -21.63
CA ASN C 37 -10.01 14.57 -20.42
C ASN C 37 -9.05 13.38 -20.36
N GLY C 38 -7.75 13.67 -20.46
CA GLY C 38 -6.72 12.62 -20.46
C GLY C 38 -6.17 12.31 -19.09
N PHE C 39 -6.59 13.09 -18.08
CA PHE C 39 -6.20 12.83 -16.69
C PHE C 39 -6.85 11.55 -16.11
N LYS C 40 -6.06 10.78 -15.37
CA LYS C 40 -6.50 9.49 -14.85
C LYS C 40 -6.23 9.44 -13.36
N LEU C 41 -7.04 8.64 -12.66
CA LEU C 41 -6.92 8.50 -11.21
C LEU C 41 -5.50 8.10 -10.82
N GLY C 42 -4.97 8.82 -9.83
CA GLY C 42 -3.69 8.47 -9.28
C GLY C 42 -2.51 9.12 -9.99
N MET C 43 -2.72 9.73 -11.16
CA MET C 43 -1.62 10.49 -11.83
C MET C 43 -1.13 11.64 -10.94
N LYS C 44 0.18 11.88 -10.92
CA LYS C 44 0.74 12.95 -10.10
C LYS C 44 1.24 14.12 -10.96
N LEU C 45 1.28 15.29 -10.34
CA LEU C 45 1.53 16.54 -11.04
C LEU C 45 1.86 17.61 -9.99
N GLU C 46 2.01 18.85 -10.45
CA GLU C 46 2.35 19.98 -9.65
C GLU C 46 1.26 21.04 -9.88
N GLY C 47 1.01 21.88 -8.88
CA GLY C 47 -0.07 22.85 -9.05
C GLY C 47 -0.09 23.90 -7.96
N ILE C 48 -0.69 25.02 -8.27
CA ILE C 48 -0.83 26.05 -7.25
C ILE C 48 -1.92 25.70 -6.22
N ASP C 49 -1.72 26.21 -5.00
CA ASP C 49 -2.68 26.10 -3.94
C ASP C 49 -3.67 27.24 -4.19
N PRO C 50 -4.95 26.92 -4.48
CA PRO C 50 -5.93 28.00 -4.63
C PRO C 50 -5.99 28.99 -3.45
N GLN C 51 -5.62 28.55 -2.25
CA GLN C 51 -5.65 29.44 -1.08
C GLN C 51 -4.42 30.29 -0.96
N HIS C 52 -3.31 29.80 -1.53
CA HIS C 52 -2.01 30.45 -1.51
C HIS C 52 -1.41 30.40 -2.94
N PRO C 53 -1.90 31.29 -3.82
CA PRO C 53 -1.69 31.25 -5.30
C PRO C 53 -0.24 31.43 -5.75
N SER C 54 0.64 31.81 -4.84
CA SER C 54 2.07 31.87 -5.10
C SER C 54 2.80 30.52 -4.86
N MET C 55 2.14 29.58 -4.20
CA MET C 55 2.83 28.38 -3.73
C MET C 55 2.45 27.16 -4.58
N TYR C 56 3.41 26.24 -4.75
CA TYR C 56 3.23 25.06 -5.62
C TYR C 56 3.38 23.79 -4.79
N PHE C 57 2.48 22.81 -5.03
CA PHE C 57 2.42 21.57 -4.27
C PHE C 57 2.39 20.35 -5.19
N ILE C 58 2.75 19.20 -4.63
CA ILE C 58 2.57 17.94 -5.35
C ILE C 58 1.12 17.53 -5.21
N LEU C 59 0.47 17.22 -6.33
CA LEU C 59 -0.95 16.92 -6.33
C LEU C 59 -1.20 15.61 -7.03
N THR C 60 -2.22 14.89 -6.55
CA THR C 60 -2.64 13.65 -7.22
C THR C 60 -4.09 13.76 -7.68
N VAL C 61 -4.38 13.17 -8.84
CA VAL C 61 -5.75 13.05 -9.34
C VAL C 61 -6.59 12.14 -8.41
N ALA C 62 -7.55 12.73 -7.71
CA ALA C 62 -8.40 11.96 -6.77
C ALA C 62 -9.70 11.52 -7.42
N GLU C 63 -10.11 12.20 -8.49
CA GLU C 63 -11.42 11.95 -9.10
C GLU C 63 -11.44 12.71 -10.42
N VAL C 64 -12.19 12.18 -11.40
CA VAL C 64 -12.37 12.81 -12.70
C VAL C 64 -13.85 12.78 -12.98
N CYS C 65 -14.37 13.94 -13.36
CA CYS C 65 -15.77 14.11 -13.76
C CYS C 65 -15.90 14.98 -15.00
N GLY C 66 -16.19 14.34 -16.14
CA GLY C 66 -16.24 15.04 -17.44
C GLY C 66 -14.88 15.66 -17.74
N TYR C 67 -14.88 16.97 -17.97
CA TYR C 67 -13.69 17.75 -18.30
C TYR C 67 -13.09 18.41 -17.05
N ARG C 68 -13.44 17.89 -15.86
CA ARG C 68 -12.91 18.39 -14.60
C ARG C 68 -12.24 17.26 -13.84
N LEU C 69 -11.45 17.65 -12.86
CA LEU C 69 -10.79 16.72 -11.98
C LEU C 69 -10.62 17.32 -10.60
N ARG C 70 -10.71 16.43 -9.62
CA ARG C 70 -10.43 16.76 -8.22
C ARG C 70 -8.99 16.39 -7.90
N LEU C 71 -8.26 17.37 -7.35
CA LEU C 71 -6.85 17.22 -7.01
C LEU C 71 -6.67 17.13 -5.51
N HIS C 72 -5.77 16.23 -5.08
CA HIS C 72 -5.42 15.98 -3.70
C HIS C 72 -3.95 16.42 -3.37
N PHE C 73 -3.77 17.09 -2.23
CA PHE C 73 -2.45 17.55 -1.77
C PHE C 73 -1.79 16.34 -1.06
N ASP C 74 -0.81 15.70 -1.72
CA ASP C 74 -0.12 14.52 -1.14
C ASP C 74 0.35 14.77 0.30
N GLY C 75 -0.06 13.91 1.23
CA GLY C 75 0.37 14.04 2.63
C GLY C 75 -0.67 14.71 3.51
N TYR C 76 -1.52 15.55 2.89
CA TYR C 76 -2.50 16.37 3.57
C TYR C 76 -3.90 15.74 3.65
N SER C 77 -4.75 16.36 4.42
CA SER C 77 -6.12 15.93 4.53
C SER C 77 -6.85 16.08 3.21
N GLU C 78 -7.70 15.10 2.89
CA GLU C 78 -8.65 15.17 1.78
C GLU C 78 -9.62 16.37 1.84
N CYS C 79 -9.76 17.01 3.00
CA CYS C 79 -10.63 18.20 3.12
C CYS C 79 -10.09 19.43 2.33
N HIS C 80 -8.83 19.38 1.93
CA HIS C 80 -8.23 20.41 1.10
C HIS C 80 -8.37 20.15 -0.40
N ASP C 81 -8.98 19.02 -0.80
CA ASP C 81 -8.99 18.64 -2.22
C ASP C 81 -9.76 19.76 -2.94
N PHE C 82 -9.45 19.97 -4.21
CA PHE C 82 -10.12 21.01 -4.96
C PHE C 82 -10.27 20.62 -6.43
N TRP C 83 -11.21 21.29 -7.10
CA TRP C 83 -11.56 20.96 -8.50
C TRP C 83 -10.92 21.91 -9.48
N VAL C 84 -10.36 21.39 -10.57
CA VAL C 84 -10.06 22.26 -11.72
C VAL C 84 -10.60 21.66 -13.00
N ASN C 85 -10.57 22.44 -14.09
CA ASN C 85 -10.81 21.90 -15.45
C ASN C 85 -9.54 21.26 -16.03
N ALA C 86 -9.72 20.31 -16.94
CA ALA C 86 -8.58 19.68 -17.60
C ALA C 86 -7.68 20.62 -18.41
N ASN C 87 -8.22 21.81 -18.79
CA ASN C 87 -7.44 22.88 -19.49
C ASN C 87 -6.91 23.98 -18.54
N SER C 88 -6.90 23.71 -17.21
CA SER C 88 -6.40 24.65 -16.23
C SER C 88 -4.93 25.04 -16.50
N PRO C 89 -4.62 26.35 -16.47
CA PRO C 89 -3.17 26.68 -16.58
C PRO C 89 -2.43 26.72 -15.20
N ASP C 90 -3.09 26.26 -14.13
CA ASP C 90 -2.57 26.40 -12.76
C ASP C 90 -2.05 25.07 -12.23
N ILE C 91 -1.91 24.13 -13.15
CA ILE C 91 -1.29 22.84 -12.89
C ILE C 91 -0.20 22.63 -13.96
N HIS C 92 0.79 21.80 -13.62
CA HIS C 92 1.99 21.63 -14.42
C HIS C 92 2.53 20.21 -14.26
N PRO C 93 3.27 19.74 -15.28
CA PRO C 93 3.79 18.36 -15.26
C PRO C 93 4.87 18.18 -14.21
N ALA C 94 4.97 16.96 -13.67
CA ALA C 94 6.08 16.63 -12.75
C ALA C 94 7.45 17.09 -13.34
N GLY C 95 8.26 17.79 -12.54
CA GLY C 95 9.59 18.28 -13.00
C GLY C 95 9.58 19.75 -13.43
N TRP C 96 8.39 20.30 -13.64
CA TRP C 96 8.25 21.69 -14.12
C TRP C 96 8.92 22.70 -13.14
N PHE C 97 8.75 22.49 -11.84
CA PHE C 97 9.19 23.48 -10.85
C PHE C 97 10.70 23.72 -11.00
N GLU C 98 11.49 22.65 -11.17
CA GLU C 98 12.97 22.79 -11.17
C GLU C 98 13.52 23.30 -12.49
N LYS C 99 12.81 23.04 -13.57
CA LYS C 99 13.09 23.59 -14.92
C LYS C 99 12.77 25.07 -15.12
N THR C 100 11.94 25.63 -14.23
CA THR C 100 11.36 26.96 -14.45
C THR C 100 11.55 27.97 -13.30
N GLY C 101 12.28 27.58 -12.26
CA GLY C 101 12.57 28.53 -11.16
C GLY C 101 11.50 28.68 -10.08
N HIS C 102 10.71 27.63 -9.86
CA HIS C 102 9.61 27.64 -8.92
C HIS C 102 9.92 26.73 -7.75
N LYS C 103 9.53 27.18 -6.55
CA LYS C 103 9.67 26.39 -5.33
C LYS C 103 8.56 25.34 -5.26
N LEU C 104 8.92 24.09 -4.95
CA LEU C 104 7.92 23.04 -4.80
C LEU C 104 7.84 22.58 -3.36
N GLN C 105 6.68 22.77 -2.74
CA GLN C 105 6.42 22.31 -1.35
C GLN C 105 6.40 20.77 -1.32
N PRO C 106 7.14 20.15 -0.39
CA PRO C 106 7.19 18.69 -0.38
C PRO C 106 5.87 18.09 0.13
N PRO C 107 5.63 16.77 -0.07
CA PRO C 107 4.49 16.13 0.59
C PRO C 107 4.55 16.39 2.09
N LYS C 108 3.41 16.54 2.76
CA LYS C 108 3.37 16.82 4.21
C LYS C 108 4.29 15.91 5.02
N GLY C 109 5.13 16.51 5.86
CA GLY C 109 6.04 15.79 6.77
C GLY C 109 7.21 15.11 6.07
N TYR C 110 7.40 15.38 4.78
CA TYR C 110 8.42 14.71 4.00
C TYR C 110 9.76 15.49 4.01
N PHE C 115 13.59 17.21 -2.20
CA PHE C 115 12.58 16.31 -2.84
C PHE C 115 13.08 15.85 -4.20
N SER C 116 12.80 14.59 -4.55
CA SER C 116 13.16 14.08 -5.90
C SER C 116 11.98 13.34 -6.55
N TRP C 117 11.49 13.80 -7.72
CA TRP C 117 10.43 13.07 -8.42
C TRP C 117 10.77 11.58 -8.69
N SER C 118 11.99 11.31 -9.18
CA SER C 118 12.35 9.94 -9.55
C SER C 118 12.27 9.04 -8.32
N GLN C 119 12.81 9.53 -7.21
CA GLN C 119 12.71 8.83 -5.93
C GLN C 119 11.24 8.64 -5.47
N TYR C 120 10.46 9.73 -5.56
CA TYR C 120 9.08 9.69 -5.04
C TYR C 120 8.21 8.77 -5.86
N LEU C 121 8.36 8.81 -7.18
CA LEU C 121 7.64 7.89 -8.09
C LEU C 121 8.07 6.45 -7.86
N ARG C 122 9.33 6.26 -7.51
CA ARG C 122 9.79 4.92 -7.15
C ARG C 122 9.13 4.42 -5.87
N SER C 123 9.05 5.28 -4.86
CA SER C 123 8.47 4.93 -3.58
C SER C 123 6.97 4.65 -3.71
N THR C 124 6.29 5.47 -4.48
CA THR C 124 4.84 5.38 -4.55
C THR C 124 4.39 4.41 -5.64
N ARG C 125 5.30 4.09 -6.57
CA ARG C 125 4.97 3.32 -7.76
C ARG C 125 3.91 4.03 -8.58
N ALA C 126 3.89 5.36 -8.53
CA ALA C 126 2.88 6.15 -9.25
C ALA C 126 3.39 6.61 -10.58
N GLN C 127 2.43 7.07 -11.39
CA GLN C 127 2.72 7.63 -12.70
C GLN C 127 2.54 9.17 -12.67
N ALA C 128 3.49 9.91 -13.25
CA ALA C 128 3.29 11.35 -13.46
C ALA C 128 2.32 11.58 -14.64
N ALA C 129 1.41 12.52 -14.48
CA ALA C 129 0.52 12.92 -15.56
C ALA C 129 1.41 13.31 -16.76
N PRO C 130 1.19 12.69 -17.96
CA PRO C 130 1.94 13.04 -19.16
C PRO C 130 1.98 14.53 -19.47
N LYS C 131 3.14 15.04 -19.90
CA LYS C 131 3.31 16.46 -20.28
C LYS C 131 2.27 17.00 -21.24
N HIS C 132 1.88 16.21 -22.25
CA HIS C 132 1.02 16.74 -23.32
C HIS C 132 -0.37 17.16 -22.81
N LEU C 133 -0.75 16.71 -21.61
CA LEU C 133 -2.04 17.09 -20.99
C LEU C 133 -2.18 18.55 -20.61
N PHE C 134 -1.05 19.22 -20.38
CA PHE C 134 -0.99 20.55 -19.72
C PHE C 134 -0.94 21.70 -20.71
N VAL C 135 -1.91 22.61 -20.60
CA VAL C 135 -1.93 23.82 -21.43
C VAL C 135 -0.76 24.76 -21.08
N SER C 136 -0.29 24.67 -19.84
CA SER C 136 0.76 25.59 -19.36
C SER C 136 2.01 24.83 -18.88
N GLN C 137 3.07 24.91 -19.69
CA GLN C 137 4.37 24.25 -19.36
C GLN C 137 5.54 25.24 -19.42
N SER C 138 5.19 26.53 -19.41
CA SER C 138 6.15 27.63 -19.57
C SER C 138 6.91 27.61 -20.90
N HIS C 139 6.25 27.17 -21.97
CA HIS C 139 6.89 27.17 -23.31
C HIS C 139 6.28 28.23 -24.23
N SER C 140 5.30 28.98 -23.73
CA SER C 140 4.56 29.99 -24.51
C SER C 140 5.19 31.36 -24.36
N PRO C 141 4.92 32.27 -25.33
CA PRO C 141 5.35 33.67 -25.21
C PRO C 141 4.92 34.32 -23.87
N PRO C 142 5.86 35.02 -23.21
CA PRO C 142 5.58 35.66 -21.91
C PRO C 142 4.59 36.84 -22.04
N PRO C 143 4.05 37.32 -20.90
CA PRO C 143 3.14 38.47 -21.02
C PRO C 143 3.99 39.69 -21.36
N LEU C 144 3.80 40.25 -22.56
CA LEU C 144 4.73 41.29 -23.03
C LEU C 144 4.87 42.49 -22.06
N GLY C 145 6.09 42.79 -21.64
CA GLY C 145 6.37 43.95 -20.76
C GLY C 145 6.44 43.66 -19.25
N PHE C 146 5.88 42.52 -18.84
CA PHE C 146 5.77 42.18 -17.41
C PHE C 146 6.91 41.26 -17.01
N GLN C 147 7.90 41.78 -16.28
CA GLN C 147 9.00 40.95 -15.77
C GLN C 147 8.81 40.80 -14.28
N VAL C 148 9.25 39.64 -13.76
CA VAL C 148 9.33 39.42 -12.33
C VAL C 148 10.08 40.58 -11.66
N GLY C 149 9.54 41.13 -10.57
CA GLY C 149 10.24 42.18 -9.85
C GLY C 149 9.77 43.57 -10.18
N MET C 150 9.15 43.73 -11.36
CA MET C 150 8.56 45.02 -11.74
C MET C 150 7.33 45.37 -10.89
N LYS C 151 7.07 46.66 -10.75
CA LYS C 151 5.98 47.15 -9.92
C LYS C 151 4.85 47.86 -10.68
N LEU C 152 3.71 47.95 -10.00
CA LEU C 152 2.50 48.42 -10.61
C LEU C 152 1.53 48.76 -9.48
N GLU C 153 0.36 49.20 -9.88
CA GLU C 153 -0.72 49.53 -8.96
C GLU C 153 -1.84 48.53 -9.23
N ALA C 154 -2.43 47.97 -8.18
CA ALA C 154 -3.44 46.93 -8.39
C ALA C 154 -4.62 47.05 -7.42
N VAL C 155 -5.82 46.75 -7.93
CA VAL C 155 -7.00 46.69 -7.07
C VAL C 155 -6.88 45.43 -6.21
N ASP C 156 -7.01 45.60 -4.91
CA ASP C 156 -7.16 44.41 -4.07
C ASP C 156 -8.56 43.82 -4.30
N ARG C 157 -8.60 42.69 -5.01
CA ARG C 157 -9.88 42.09 -5.36
C ARG C 157 -10.73 41.74 -4.16
N MET C 158 -10.08 41.44 -3.03
CA MET C 158 -10.76 41.12 -1.76
C MET C 158 -11.22 42.37 -0.99
N ASN C 159 -10.67 43.54 -1.36
CA ASN C 159 -11.04 44.84 -0.78
C ASN C 159 -11.05 45.91 -1.88
N PRO C 160 -12.03 45.82 -2.78
CA PRO C 160 -11.96 46.51 -4.07
C PRO C 160 -11.92 48.06 -4.02
N SER C 161 -12.14 48.65 -2.84
CA SER C 161 -12.03 50.10 -2.73
C SER C 161 -10.55 50.54 -2.70
N LEU C 162 -9.66 49.57 -2.45
CA LEU C 162 -8.23 49.83 -2.36
C LEU C 162 -7.50 49.56 -3.67
N VAL C 163 -6.72 50.55 -4.10
CA VAL C 163 -5.75 50.38 -5.16
C VAL C 163 -4.38 50.46 -4.48
N CYS C 164 -3.54 49.44 -4.71
CA CYS C 164 -2.38 49.22 -3.83
C CYS C 164 -1.06 49.14 -4.59
N VAL C 165 0.03 49.45 -3.87
CA VAL C 165 1.40 49.24 -4.37
C VAL C 165 1.57 47.73 -4.53
N ALA C 166 1.96 47.29 -5.72
CA ALA C 166 2.00 45.85 -6.02
C ALA C 166 3.23 45.48 -6.89
N SER C 167 3.54 44.19 -6.91
CA SER C 167 4.68 43.64 -7.68
C SER C 167 4.29 42.48 -8.56
N VAL C 168 5.06 42.25 -9.61
CA VAL C 168 5.00 40.99 -10.37
C VAL C 168 5.99 40.02 -9.74
N THR C 169 5.50 38.87 -9.34
CA THR C 169 6.30 38.05 -8.49
C THR C 169 6.48 36.66 -9.14
N ASP C 170 5.73 36.40 -10.21
CA ASP C 170 5.87 35.12 -10.94
C ASP C 170 5.38 35.39 -12.37
N VAL C 171 5.97 34.70 -13.34
CA VAL C 171 5.55 34.78 -14.75
C VAL C 171 5.50 33.36 -15.31
N VAL C 172 4.35 32.98 -15.90
CA VAL C 172 4.16 31.64 -16.44
C VAL C 172 3.29 31.75 -17.66
N ASP C 173 3.90 31.38 -18.80
CA ASP C 173 3.25 31.48 -20.09
C ASP C 173 2.69 32.87 -20.27
N SER C 174 1.40 33.01 -20.57
CA SER C 174 0.85 34.33 -20.90
C SER C 174 0.41 35.13 -19.67
N ARG C 175 0.56 34.54 -18.48
CA ARG C 175 0.06 35.15 -17.24
C ARG C 175 1.16 35.54 -16.25
N PHE C 176 0.81 36.36 -15.29
CA PHE C 176 1.76 36.70 -14.25
C PHE C 176 1.00 36.82 -12.94
N LEU C 177 1.77 36.81 -11.86
CA LEU C 177 1.21 36.86 -10.51
C LEU C 177 1.44 38.23 -9.90
N VAL C 178 0.31 38.84 -9.48
CA VAL C 178 0.29 40.11 -8.79
C VAL C 178 0.37 39.88 -7.28
N HIS C 179 1.36 40.51 -6.66
CA HIS C 179 1.57 40.42 -5.24
C HIS C 179 1.44 41.78 -4.59
N PHE C 180 0.82 41.83 -3.41
CA PHE C 180 0.66 43.08 -2.65
C PHE C 180 1.78 43.29 -1.67
N ASP C 181 2.66 44.23 -1.99
CA ASP C 181 3.89 44.44 -1.21
C ASP C 181 3.66 44.50 0.30
N ASN C 182 4.45 43.70 1.01
CA ASN C 182 4.46 43.54 2.48
C ASN C 182 3.19 42.90 3.09
N TRP C 183 2.36 42.29 2.25
CA TRP C 183 1.26 41.40 2.69
C TRP C 183 1.66 39.95 2.43
N ASP C 184 0.91 38.98 2.97
CA ASP C 184 1.15 37.59 2.60
C ASP C 184 0.49 37.36 1.24
N ASP C 185 0.53 36.13 0.77
CA ASP C 185 0.10 35.86 -0.59
C ASP C 185 -1.40 35.63 -0.73
N THR C 186 -2.17 35.73 0.35
CA THR C 186 -3.61 35.43 0.23
C THR C 186 -4.35 36.39 -0.67
N TYR C 187 -3.83 37.61 -0.77
CA TYR C 187 -4.38 38.64 -1.68
C TYR C 187 -3.84 38.56 -3.11
N ASP C 188 -2.88 37.67 -3.36
CA ASP C 188 -2.28 37.49 -4.68
C ASP C 188 -3.32 37.00 -5.71
N TYR C 189 -3.11 37.38 -6.97
CA TYR C 189 -3.89 36.80 -8.04
C TYR C 189 -3.16 36.75 -9.38
N TRP C 190 -3.50 35.74 -10.18
CA TRP C 190 -2.83 35.53 -11.46
C TRP C 190 -3.65 36.31 -12.50
N CYS C 191 -2.98 37.04 -13.37
CA CYS C 191 -3.73 37.66 -14.46
C CYS C 191 -2.88 37.88 -15.71
N ASP C 192 -3.47 38.53 -16.71
CA ASP C 192 -2.74 38.84 -17.94
C ASP C 192 -2.74 40.36 -18.18
N PRO C 193 -2.03 40.85 -19.23
CA PRO C 193 -1.86 42.27 -19.47
C PRO C 193 -3.13 43.09 -19.67
N SER C 194 -4.25 42.44 -19.96
CA SER C 194 -5.52 43.14 -20.13
C SER C 194 -6.43 43.17 -18.89
N SER C 195 -5.96 42.61 -17.78
CA SER C 195 -6.76 42.57 -16.54
C SER C 195 -7.28 43.97 -16.18
N PRO C 196 -8.58 44.11 -15.86
CA PRO C 196 -9.09 45.41 -15.44
C PRO C 196 -8.64 45.87 -14.04
N TYR C 197 -7.90 45.02 -13.33
CA TYR C 197 -7.57 45.28 -11.92
C TYR C 197 -6.17 45.83 -11.72
N ILE C 198 -5.43 46.01 -12.82
CA ILE C 198 -4.06 46.49 -12.70
C ILE C 198 -3.88 47.80 -13.48
N HIS C 199 -2.89 48.57 -13.04
CA HIS C 199 -2.64 49.91 -13.59
C HIS C 199 -1.15 50.21 -13.45
N PRO C 200 -0.62 51.10 -14.32
CA PRO C 200 0.75 51.50 -14.14
C PRO C 200 1.04 52.31 -12.88
N VAL C 201 2.29 52.24 -12.44
CA VAL C 201 2.83 53.19 -11.46
C VAL C 201 2.39 54.62 -11.92
N GLY C 202 1.81 55.37 -10.99
CA GLY C 202 1.38 56.74 -11.26
C GLY C 202 -0.10 56.88 -11.57
N TRP C 203 -0.80 55.77 -11.79
CA TRP C 203 -2.24 55.80 -12.10
C TRP C 203 -3.12 56.50 -11.05
N CYS C 204 -3.00 56.14 -9.78
CA CYS C 204 -3.80 56.79 -8.72
C CYS C 204 -3.61 58.32 -8.67
N GLN C 205 -2.35 58.75 -8.72
CA GLN C 205 -2.04 60.17 -8.66
C GLN C 205 -2.57 60.91 -9.89
N LYS C 206 -2.46 60.29 -11.07
CA LYS C 206 -3.11 60.85 -12.25
C LYS C 206 -4.62 60.97 -12.09
N GLN C 207 -5.25 60.00 -11.45
CA GLN C 207 -6.71 59.94 -11.26
C GLN C 207 -7.22 60.69 -10.03
N GLY C 208 -6.32 61.30 -9.26
CA GLY C 208 -6.67 61.81 -7.92
C GLY C 208 -7.31 60.79 -7.01
N LYS C 209 -6.89 59.52 -7.10
CA LYS C 209 -7.40 58.46 -6.21
C LYS C 209 -6.33 58.14 -5.18
N PRO C 210 -6.73 57.85 -3.91
CA PRO C 210 -5.71 57.44 -2.95
C PRO C 210 -5.05 56.09 -3.31
N LEU C 211 -3.73 56.07 -3.21
CA LEU C 211 -2.94 54.86 -3.38
C LEU C 211 -2.63 54.31 -2.01
N THR C 212 -2.93 53.03 -1.79
CA THR C 212 -2.60 52.36 -0.54
C THR C 212 -1.15 51.85 -0.57
N PRO C 213 -0.27 52.40 0.30
CA PRO C 213 1.13 51.96 0.29
C PRO C 213 1.26 50.55 0.87
N PRO C 214 2.47 49.97 0.83
CA PRO C 214 2.70 48.64 1.35
C PRO C 214 2.30 48.59 2.83
N GLN C 215 1.89 47.41 3.31
CA GLN C 215 1.49 47.28 4.70
C GLN C 215 2.56 47.85 5.62
N ASP C 216 2.14 48.73 6.54
CA ASP C 216 3.02 49.33 7.56
C ASP C 216 4.19 50.15 7.00
N TYR C 217 4.04 50.69 5.80
CA TYR C 217 5.04 51.62 5.28
C TYR C 217 5.18 52.80 6.28
N PRO C 218 6.43 53.18 6.64
CA PRO C 218 6.63 54.31 7.58
C PRO C 218 6.07 55.66 7.09
N PRO C 220 3.77 57.47 5.49
CA PRO C 220 2.80 56.60 4.82
C PRO C 220 1.95 57.42 3.85
N ASP C 221 1.41 58.51 4.38
CA ASP C 221 0.72 59.56 3.63
C ASP C 221 1.74 60.26 2.73
N ASN C 222 3.01 60.03 3.03
CA ASN C 222 4.12 60.55 2.25
C ASN C 222 4.78 59.57 1.27
N PHE C 223 4.21 58.37 1.14
CA PHE C 223 4.73 57.38 0.20
C PHE C 223 4.99 58.02 -1.16
N CYS C 224 6.15 57.73 -1.74
CA CYS C 224 6.55 58.30 -3.00
C CYS C 224 7.05 57.15 -3.89
N TRP C 225 6.41 56.96 -5.04
CA TRP C 225 6.79 55.85 -5.91
C TRP C 225 8.26 55.94 -6.31
N GLU C 226 8.73 57.14 -6.66
CA GLU C 226 10.09 57.36 -7.12
C GLU C 226 11.10 56.93 -6.05
N LYS C 227 10.81 57.28 -4.80
CA LYS C 227 11.66 56.89 -3.69
C LYS C 227 11.60 55.38 -3.44
N TYR C 228 10.39 54.82 -3.51
CA TYR C 228 10.16 53.40 -3.30
C TYR C 228 10.91 52.52 -4.31
N LEU C 229 10.79 52.87 -5.59
CA LEU C 229 11.45 52.14 -6.67
C LEU C 229 12.97 52.10 -6.51
N GLU C 230 13.54 53.25 -6.15
CA GLU C 230 14.95 53.36 -5.82
C GLU C 230 15.37 52.52 -4.63
N GLU C 231 14.63 52.58 -3.52
CA GLU C 231 15.03 51.81 -2.34
C GLU C 231 14.85 50.30 -2.51
N THR C 232 13.97 49.89 -3.44
CA THR C 232 13.74 48.46 -3.66
C THR C 232 14.50 47.92 -4.87
N GLY C 233 15.34 48.76 -5.48
CA GLY C 233 16.03 48.44 -6.71
C GLY C 233 15.12 47.91 -7.81
N ALA C 234 13.94 48.52 -7.95
CA ALA C 234 12.91 48.02 -8.85
C ALA C 234 12.55 49.03 -9.94
N SER C 235 11.91 48.53 -11.00
CA SER C 235 11.40 49.27 -12.15
C SER C 235 9.88 49.11 -12.22
N ALA C 236 9.22 50.09 -12.84
CA ALA C 236 7.78 50.03 -13.07
C ALA C 236 7.54 49.22 -14.32
N VAL C 237 6.49 48.39 -14.33
CA VAL C 237 6.04 47.83 -15.59
C VAL C 237 5.78 49.03 -16.55
N PRO C 238 6.29 48.96 -17.80
CA PRO C 238 6.06 50.09 -18.72
C PRO C 238 4.58 50.24 -19.02
N THR C 239 4.13 51.47 -19.22
CA THR C 239 2.72 51.77 -19.42
C THR C 239 2.15 51.11 -20.69
N TRP C 240 2.99 50.95 -21.72
CA TRP C 240 2.55 50.35 -22.97
C TRP C 240 2.16 48.89 -22.84
N ALA C 241 2.64 48.23 -21.76
CA ALA C 241 2.35 46.82 -21.49
C ALA C 241 0.90 46.56 -21.06
N PHE C 242 0.22 47.57 -20.54
CA PHE C 242 -1.14 47.41 -20.01
C PHE C 242 -2.19 47.56 -21.13
N LYS C 243 -2.96 46.51 -21.38
CA LYS C 243 -3.93 46.52 -22.48
C LYS C 243 -5.36 46.64 -21.98
N VAL C 244 -6.23 47.22 -22.81
CA VAL C 244 -7.64 47.43 -22.46
C VAL C 244 -8.44 46.19 -22.80
N ARG C 245 -9.06 45.61 -21.78
CA ARG C 245 -10.02 44.52 -21.98
C ARG C 245 -11.39 45.12 -22.29
N PRO C 246 -12.02 44.70 -23.39
CA PRO C 246 -13.34 45.23 -23.67
C PRO C 246 -14.32 44.65 -22.61
N PRO C 247 -15.38 45.43 -22.26
CA PRO C 247 -16.47 44.89 -21.45
C PRO C 247 -17.11 43.67 -22.11
N HIS C 248 -17.54 42.71 -21.28
CA HIS C 248 -18.23 41.53 -21.79
C HIS C 248 -19.61 41.98 -22.30
N SER C 249 -20.32 41.07 -22.97
CA SER C 249 -21.63 41.41 -23.48
C SER C 249 -22.77 40.50 -22.96
N PHE C 250 -22.55 39.89 -21.78
CA PHE C 250 -23.65 39.16 -21.14
C PHE C 250 -24.75 40.15 -20.74
N LEU C 251 -26.01 39.72 -20.89
CA LEU C 251 -27.15 40.55 -20.52
C LEU C 251 -27.96 39.86 -19.42
N VAL C 252 -28.54 40.66 -18.52
CA VAL C 252 -29.53 40.19 -17.52
C VAL C 252 -30.57 39.21 -18.15
N ASN C 253 -30.84 38.12 -17.44
CA ASN C 253 -31.74 37.01 -17.81
C ASN C 253 -31.13 35.94 -18.74
N MET C 254 -29.94 36.17 -19.29
CA MET C 254 -29.29 35.13 -20.06
C MET C 254 -28.99 33.93 -19.14
N LYS C 255 -29.23 32.73 -19.63
CA LYS C 255 -29.01 31.52 -18.81
C LYS C 255 -27.68 30.84 -19.19
N LEU C 256 -27.07 30.12 -18.25
CA LEU C 256 -25.79 29.44 -18.50
C LEU C 256 -25.56 28.33 -17.44
N GLU C 257 -24.34 27.85 -17.34
CA GLU C 257 -24.01 26.81 -16.32
C GLU C 257 -22.88 27.34 -15.44
N ALA C 258 -22.95 27.11 -14.11
CA ALA C 258 -21.92 27.61 -13.22
C ALA C 258 -21.63 26.64 -12.06
N VAL C 259 -20.35 26.46 -11.75
CA VAL C 259 -19.95 25.67 -10.59
C VAL C 259 -20.54 26.32 -9.31
N ASP C 260 -21.10 25.49 -8.42
CA ASP C 260 -21.55 25.96 -7.11
C ASP C 260 -20.36 26.05 -6.15
N ARG C 261 -19.95 27.28 -5.79
CA ARG C 261 -18.80 27.48 -4.88
C ARG C 261 -18.99 26.86 -3.50
N ARG C 262 -20.23 26.75 -3.06
CA ARG C 262 -20.57 26.09 -1.77
C ARG C 262 -20.36 24.59 -1.80
N ASN C 263 -20.38 24.01 -2.99
CA ASN C 263 -20.28 22.57 -3.19
C ASN C 263 -19.71 22.30 -4.60
N PRO C 264 -18.40 22.55 -4.79
CA PRO C 264 -17.80 22.69 -6.12
C PRO C 264 -17.77 21.45 -7.00
N ALA C 265 -18.01 20.25 -6.43
CA ALA C 265 -18.27 19.08 -7.27
C ALA C 265 -19.44 19.36 -8.24
N LEU C 266 -20.36 20.26 -7.84
CA LEU C 266 -21.65 20.39 -8.59
C LEU C 266 -21.66 21.60 -9.50
N ILE C 267 -22.31 21.43 -10.64
CA ILE C 267 -22.55 22.54 -11.57
C ILE C 267 -24.06 22.64 -11.73
N ARG C 268 -24.57 23.87 -11.77
CA ARG C 268 -26.01 24.12 -11.73
C ARG C 268 -26.44 25.05 -12.85
N VAL C 269 -27.70 24.90 -13.21
CA VAL C 269 -28.42 25.88 -14.06
C VAL C 269 -28.41 27.26 -13.40
N ALA C 270 -27.96 28.26 -14.16
CA ALA C 270 -27.75 29.60 -13.65
C ALA C 270 -28.30 30.69 -14.60
N SER C 271 -28.54 31.87 -14.05
CA SER C 271 -29.06 33.06 -14.75
C SER C 271 -28.21 34.25 -14.38
N VAL C 272 -28.04 35.17 -15.34
CA VAL C 272 -27.41 36.46 -15.08
C VAL C 272 -28.43 37.38 -14.41
N GLU C 273 -28.10 37.82 -13.18
CA GLU C 273 -28.99 38.69 -12.40
C GLU C 273 -28.74 40.16 -12.60
N ASP C 274 -27.46 40.48 -12.86
CA ASP C 274 -26.93 41.83 -12.84
C ASP C 274 -25.55 41.78 -13.53
N VAL C 275 -25.10 42.91 -14.06
CA VAL C 275 -23.83 42.94 -14.83
C VAL C 275 -23.09 44.23 -14.50
N GLU C 276 -21.76 44.18 -14.57
CA GLU C 276 -20.89 45.36 -14.60
C GLU C 276 -20.08 45.19 -15.90
N ASP C 277 -19.10 46.06 -16.12
CA ASP C 277 -18.28 45.96 -17.32
C ASP C 277 -17.57 44.60 -17.45
N HIS C 278 -17.08 44.06 -16.33
CA HIS C 278 -16.22 42.87 -16.39
C HIS C 278 -16.65 41.73 -15.50
N ARG C 279 -17.75 41.93 -14.79
N ARG C 279 -17.78 41.90 -14.83
CA ARG C 279 -18.32 40.92 -13.88
CA ARG C 279 -18.31 40.88 -13.93
C ARG C 279 -19.79 40.67 -14.24
C ARG C 279 -19.80 40.70 -14.16
N ILE C 280 -20.30 39.48 -13.85
CA ILE C 280 -21.74 39.16 -13.92
C ILE C 280 -22.16 38.64 -12.54
N LYS C 281 -23.43 38.86 -12.18
CA LYS C 281 -23.93 38.31 -10.93
C LYS C 281 -24.72 37.05 -11.24
N ILE C 282 -24.28 35.92 -10.69
CA ILE C 282 -24.91 34.61 -10.94
C ILE C 282 -26.06 34.31 -9.94
N HIS C 283 -27.20 33.86 -10.46
CA HIS C 283 -28.32 33.34 -9.67
C HIS C 283 -28.54 31.90 -10.06
N PHE C 284 -28.66 31.02 -9.06
CA PHE C 284 -28.95 29.63 -9.36
C PHE C 284 -30.47 29.50 -9.37
N ASP C 285 -31.04 29.16 -10.54
CA ASP C 285 -32.46 29.06 -10.75
C ASP C 285 -33.12 28.17 -9.68
N GLY C 286 -34.14 28.72 -9.03
CA GLY C 286 -34.90 28.00 -7.99
C GLY C 286 -34.37 28.20 -6.58
N TRP C 287 -33.15 28.73 -6.45
CA TRP C 287 -32.57 28.98 -5.13
C TRP C 287 -32.93 30.38 -4.68
N SER C 288 -32.83 30.62 -3.37
CA SER C 288 -33.01 31.99 -2.92
C SER C 288 -31.84 32.88 -3.35
N HIS C 289 -32.11 34.18 -3.38
CA HIS C 289 -31.14 35.13 -3.93
C HIS C 289 -30.00 35.37 -3.00
N GLY C 290 -30.15 34.97 -1.75
CA GLY C 290 -29.01 35.06 -0.84
C GLY C 290 -27.81 34.24 -1.34
N TYR C 291 -28.08 33.26 -2.21
CA TYR C 291 -27.06 32.42 -2.83
C TYR C 291 -26.41 33.02 -4.07
N ASP C 292 -26.83 34.22 -4.46
CA ASP C 292 -26.32 34.86 -5.68
C ASP C 292 -24.90 35.31 -5.40
N PHE C 293 -24.07 35.40 -6.44
CA PHE C 293 -22.67 35.84 -6.26
C PHE C 293 -22.12 36.49 -7.55
N TRP C 294 -21.32 37.52 -7.37
CA TRP C 294 -20.60 38.16 -8.46
C TRP C 294 -19.40 37.32 -8.86
N ILE C 295 -19.12 37.27 -10.16
CA ILE C 295 -17.99 36.51 -10.70
C ILE C 295 -17.39 37.30 -11.90
N ASP C 296 -16.08 37.24 -12.06
CA ASP C 296 -15.41 37.80 -13.25
C ASP C 296 -15.91 37.08 -14.50
N ALA C 297 -16.07 37.81 -15.61
CA ALA C 297 -16.53 37.18 -16.86
C ALA C 297 -15.57 36.11 -17.45
N ASP C 298 -14.28 36.22 -17.10
CA ASP C 298 -13.27 35.27 -17.61
C ASP C 298 -13.00 34.13 -16.62
N HIS C 299 -13.82 34.03 -15.58
CA HIS C 299 -13.64 32.93 -14.60
C HIS C 299 -13.80 31.54 -15.22
N PRO C 300 -12.86 30.60 -14.89
CA PRO C 300 -12.93 29.26 -15.52
C PRO C 300 -14.15 28.42 -15.14
N ASP C 301 -14.88 28.82 -14.09
CA ASP C 301 -16.00 28.01 -13.61
C ASP C 301 -17.40 28.46 -14.05
N ILE C 302 -17.47 29.22 -15.14
CA ILE C 302 -18.73 29.52 -15.81
C ILE C 302 -18.62 29.02 -17.24
N HIS C 303 -19.74 28.50 -17.75
CA HIS C 303 -19.77 27.82 -19.07
C HIS C 303 -21.10 28.04 -19.79
N PRO C 304 -21.09 27.88 -21.13
CA PRO C 304 -22.40 27.97 -21.83
C PRO C 304 -23.26 26.76 -21.57
N ALA C 305 -24.56 26.96 -21.77
CA ALA C 305 -25.49 25.85 -21.75
C ALA C 305 -24.99 24.76 -22.70
N GLY C 306 -25.08 23.52 -22.25
CA GLY C 306 -24.60 22.38 -23.01
C GLY C 306 -23.22 21.87 -22.61
N TRP C 307 -22.46 22.68 -21.87
CA TRP C 307 -21.09 22.32 -21.52
C TRP C 307 -21.08 20.98 -20.76
N CYS C 308 -21.93 20.86 -19.74
CA CYS C 308 -22.01 19.64 -18.92
C CYS C 308 -22.36 18.43 -19.80
N SER C 309 -23.40 18.59 -20.61
CA SER C 309 -23.90 17.52 -21.49
C SER C 309 -22.79 16.99 -22.39
N LYS C 310 -22.13 17.91 -23.05
CA LYS C 310 -21.12 17.62 -24.07
C LYS C 310 -19.82 17.11 -23.47
N THR C 311 -19.53 17.46 -22.20
CA THR C 311 -18.29 17.00 -21.56
C THR C 311 -18.48 15.76 -20.69
N GLY C 312 -19.73 15.38 -20.41
CA GLY C 312 -19.98 14.22 -19.59
C GLY C 312 -20.04 14.50 -18.09
N HIS C 313 -20.30 15.76 -17.74
CA HIS C 313 -20.46 16.18 -16.35
C HIS C 313 -21.98 16.27 -16.03
N PRO C 314 -22.40 15.78 -14.84
CA PRO C 314 -23.78 16.01 -14.43
C PRO C 314 -24.14 17.48 -14.23
N LEU C 315 -25.34 17.85 -14.64
CA LEU C 315 -25.82 19.18 -14.39
C LEU C 315 -26.98 19.09 -13.42
N GLN C 316 -26.97 19.97 -12.42
CA GLN C 316 -28.06 20.07 -11.46
C GLN C 316 -29.14 20.98 -12.04
N PRO C 317 -30.36 20.44 -12.23
CA PRO C 317 -31.45 21.26 -12.76
C PRO C 317 -31.93 22.26 -11.70
N PRO C 318 -32.74 23.26 -12.10
CA PRO C 318 -33.26 24.18 -11.08
C PRO C 318 -34.04 23.44 -10.01
N LEU C 319 -34.10 24.03 -8.82
CA LEU C 319 -34.87 23.48 -7.69
C LEU C 319 -36.36 23.47 -8.02
N GLY C 320 -37.04 22.39 -7.62
CA GLY C 320 -38.46 22.20 -7.93
C GLY C 320 -39.42 22.96 -7.00
N PRO C 321 -40.72 23.03 -7.37
CA PRO C 321 -41.78 23.65 -6.54
C PRO C 321 -42.14 22.90 -5.25
N ARG C 322 -41.68 21.65 -5.09
CA ARG C 322 -42.01 20.90 -3.84
C ARG C 322 -40.81 20.38 -3.04
N GLU C 323 -39.60 20.83 -3.38
CA GLU C 323 -38.36 20.43 -2.66
C GLU C 323 -38.57 20.54 -1.15
N LYS D 2 25.48 -17.15 7.76
CA LYS D 2 24.61 -18.04 8.59
C LYS D 2 23.11 -17.78 8.29
N ARG D 3 22.66 -16.52 8.37
CA ARG D 3 21.23 -16.22 8.18
C ARG D 3 20.72 -16.69 6.83
N HIS D 4 19.70 -17.53 6.87
CA HIS D 4 19.12 -18.13 5.70
C HIS D 4 17.69 -17.55 5.58
N ARG D 5 17.45 -16.72 4.56
CA ARG D 5 16.17 -15.98 4.44
C ARG D 5 15.11 -16.72 3.63
N MLY D 6 13.88 -16.67 4.10
CA MLY D 6 12.76 -17.24 3.39
CB MLY D 6 11.85 -17.96 4.37
CG MLY D 6 12.44 -19.30 4.82
CD MLY D 6 11.69 -19.84 6.03
CE MLY D 6 12.04 -21.27 6.48
NZ MLY D 6 11.69 -21.41 7.92
CH1 MLY D 6 10.23 -21.45 8.09
CH2 MLY D 6 12.27 -22.67 8.46
C MLY D 6 12.02 -16.06 2.76
O MLY D 6 11.76 -15.07 3.46
N VAL D 7 11.66 -16.18 1.50
CA VAL D 7 11.09 -15.06 0.72
C VAL D 7 9.82 -15.49 0.03
N LEU D 8 8.73 -14.73 0.18
CA LEU D 8 7.50 -15.03 -0.54
C LEU D 8 7.70 -14.75 -2.03
N ARG D 9 7.35 -15.69 -2.87
CA ARG D 9 7.54 -15.54 -4.31
C ARG D 9 6.33 -16.06 -5.04
N ASP D 10 5.99 -15.40 -6.14
CA ASP D 10 4.82 -15.81 -6.89
C ASP D 10 5.19 -16.13 -8.34
N HIS E 4 -3.46 -17.31 -7.80
CA HIS E 4 -2.03 -16.91 -7.95
C HIS E 4 -1.35 -17.11 -6.57
N ARG E 5 -0.54 -18.15 -6.45
CA ARG E 5 -0.04 -18.56 -5.13
C ARG E 5 1.30 -17.95 -4.82
N MLY E 6 1.48 -17.52 -3.58
CA MLY E 6 2.75 -16.99 -3.10
CB MLY E 6 2.61 -15.77 -2.19
CG MLY E 6 2.28 -14.47 -2.94
CD MLY E 6 1.61 -13.45 -2.03
CE MLY E 6 1.17 -12.20 -2.81
NZ MLY E 6 0.26 -11.35 -1.99
CH1 MLY E 6 0.93 -10.82 -0.79
CH2 MLY E 6 -0.21 -10.23 -2.85
C MLY E 6 3.32 -18.12 -2.29
O MLY E 6 2.61 -18.75 -1.52
N VAL E 7 4.61 -18.38 -2.47
CA VAL E 7 5.27 -19.52 -1.81
C VAL E 7 6.55 -19.07 -1.13
N LEU E 8 6.77 -19.56 0.09
CA LEU E 8 8.02 -19.32 0.81
C LEU E 8 9.14 -20.16 0.20
N ARG E 9 10.14 -19.47 -0.32
CA ARG E 9 11.30 -20.07 -1.01
C ARG E 9 12.57 -19.69 -0.24
N ASP E 10 13.48 -20.65 -0.08
CA ASP E 10 14.75 -20.30 0.58
C ASP E 10 15.97 -20.53 -0.30
N ASN E 11 15.74 -20.63 -1.62
CA ASN E 11 16.83 -20.73 -2.60
C ASN E 11 16.58 -19.91 -3.87
CL CL F . 36.39 -28.03 1.95
CL CL G . -3.85 18.52 6.77
#